data_1QZR
#
_entry.id   1QZR
#
_cell.length_a   58.553
_cell.length_b   71.444
_cell.length_c   215.724
_cell.angle_alpha   90.00
_cell.angle_beta   90.00
_cell.angle_gamma   90.00
#
_symmetry.space_group_name_H-M   'P 21 21 21'
#
loop_
_entity.id
_entity.type
_entity.pdbx_description
1 polymer 'DNA topoisomerase II'
2 non-polymer 'MAGNESIUM ION'
3 non-polymer 'PHOSPHOAMINOPHOSPHONIC ACID-ADENYLATE ESTER'
4 non-polymer "(S)-4,4'-(1-METHYL-1,2-ETHANEDIYL)BIS-2,6-PIPERAZINEDIONE"
5 water water
#
_entity_poly.entity_id   1
_entity_poly.type   'polypeptide(L)'
_entity_poly.pdbx_seq_one_letter_code
;GHMVTMSTEPVSASDKYQKISQLEHILKRPDTYIGSVETQEQLQWIYDEETDCMIEKNVTIVPGLFKIFDEILVNAADNK
VRDPSMKRIDVNIHAEEHTIEVKNDGKGIPIEIHNKENIYIPEMIFGHLLTSSNYDDDEKKVTGGRNGYGAKLCNIFSTE
FILETADLNVGQKYVQKWENNMSICHPPKITSYKKGPSYTKVTFKPDLTRFGMKELDNDILGVMRRRVYDINGSVRDINV
YLNGKSLKIRNFKNYVELYLKSLEKKRQLDNGEDGAAKSDIPTILYERINNRWEVAFAVSDISFQQISFVNSIATTMGGT
HVNYITDQIVKKISEILKKKKKKSVKSFQIKNNMFIFINCLIENPAFTSQTKEQLTTRVKDFGSRCEIPLEYINKIMKTD
LATRMFEIADANEENALK
;
_entity_poly.pdbx_strand_id   A,B
#
# COMPACT_ATOMS: atom_id res chain seq x y z
N SER A 12 -32.22 11.98 3.52
CA SER A 12 -32.31 12.70 2.22
C SER A 12 -31.27 12.18 1.23
N ALA A 13 -31.76 11.68 0.09
CA ALA A 13 -30.91 11.06 -0.92
C ALA A 13 -29.78 11.97 -1.38
N SER A 14 -30.13 13.24 -1.65
CA SER A 14 -29.17 14.23 -2.08
C SER A 14 -28.10 14.51 -1.02
N ASP A 15 -28.49 14.41 0.25
CA ASP A 15 -27.58 14.61 1.37
C ASP A 15 -26.72 13.39 1.61
N LYS A 16 -27.30 12.21 1.34
CA LYS A 16 -26.62 10.94 1.57
C LYS A 16 -25.49 10.68 0.57
N TYR A 17 -25.74 10.99 -0.69
CA TYR A 17 -24.77 10.76 -1.76
C TYR A 17 -24.06 12.07 -2.07
N GLN A 18 -22.74 12.08 -1.89
CA GLN A 18 -21.96 13.29 -2.01
C GLN A 18 -20.90 13.17 -3.09
N LYS A 19 -20.70 14.27 -3.81
CA LYS A 19 -19.58 14.40 -4.74
C LYS A 19 -18.64 15.41 -4.15
N ILE A 20 -17.35 15.10 -4.13
CA ILE A 20 -16.36 16.03 -3.62
C ILE A 20 -15.22 16.22 -4.62
N SER A 21 -14.49 17.32 -4.46
CA SER A 21 -13.34 17.59 -5.31
C SER A 21 -12.13 16.78 -4.84
N GLN A 22 -11.18 16.60 -5.73
CA GLN A 22 -9.97 15.87 -5.41
C GLN A 22 -9.21 16.56 -4.29
N LEU A 23 -9.22 17.90 -4.30
CA LEU A 23 -8.56 18.69 -3.24
C LEU A 23 -9.24 18.48 -1.88
N GLU A 24 -10.57 18.45 -1.87
CA GLU A 24 -11.34 18.21 -0.65
C GLU A 24 -11.08 16.80 -0.11
N HIS A 25 -10.99 15.84 -1.00
CA HIS A 25 -10.75 14.46 -0.62
C HIS A 25 -9.40 14.26 0.06
N ILE A 26 -8.38 14.92 -0.46
CA ILE A 26 -7.03 14.81 0.10
C ILE A 26 -7.02 15.24 1.56
N LEU A 27 -7.64 16.38 1.86
CA LEU A 27 -7.66 16.90 3.22
C LEU A 27 -8.55 16.06 4.15
N LYS A 28 -9.64 15.53 3.60
CA LYS A 28 -10.62 14.72 4.34
C LYS A 28 -10.06 13.35 4.67
N ARG A 29 -9.32 12.78 3.71
CA ARG A 29 -8.85 11.41 3.78
C ARG A 29 -7.40 11.31 3.34
N PRO A 30 -6.48 11.78 4.19
CA PRO A 30 -5.06 11.83 3.84
C PRO A 30 -4.39 10.46 3.64
N ASP A 31 -4.96 9.39 4.19
CA ASP A 31 -4.24 8.11 4.32
C ASP A 31 -3.61 7.54 3.06
N THR A 32 -4.35 7.52 1.94
CA THR A 32 -3.77 6.94 0.72
C THR A 32 -2.88 7.92 -0.03
N TYR A 33 -2.85 9.18 0.41
CA TYR A 33 -1.97 10.17 -0.20
C TYR A 33 -0.63 10.29 0.55
N ILE A 34 -0.69 10.49 1.86
CA ILE A 34 0.52 10.76 2.66
C ILE A 34 0.67 9.84 3.89
N GLY A 35 -0.27 8.93 4.08
CA GLY A 35 -0.27 8.08 5.25
C GLY A 35 -1.08 8.71 6.37
N SER A 36 -1.07 8.08 7.54
CA SER A 36 -1.94 8.50 8.63
C SER A 36 -1.59 9.89 9.19
N VAL A 37 -2.62 10.66 9.55
CA VAL A 37 -2.41 11.90 10.29
C VAL A 37 -2.67 11.74 11.79
N GLU A 38 -2.78 10.50 12.24
CA GLU A 38 -2.86 10.18 13.67
C GLU A 38 -1.48 9.81 14.16
N THR A 39 -1.23 10.00 15.46
CA THR A 39 0.04 9.58 16.07
C THR A 39 0.20 8.07 16.04
N GLN A 40 1.42 7.62 15.75
CA GLN A 40 1.74 6.19 15.71
C GLN A 40 2.96 5.91 16.57
N GLU A 41 2.89 4.85 17.35
CA GLU A 41 4.05 4.35 18.07
C GLU A 41 4.83 3.45 17.13
N GLN A 42 6.10 3.75 16.97
CA GLN A 42 6.96 3.01 16.06
C GLN A 42 8.35 2.86 16.67
N LEU A 43 9.01 1.76 16.33
CA LEU A 43 10.45 1.62 16.57
C LEU A 43 11.16 2.20 15.37
N GLN A 44 11.92 3.29 15.57
CA GLN A 44 12.57 4.00 14.48
C GLN A 44 14.06 4.21 14.72
N TRP A 45 14.85 4.14 13.65
CA TRP A 45 16.26 4.44 13.73
C TRP A 45 16.46 5.94 13.79
N ILE A 46 17.30 6.37 14.72
CA ILE A 46 17.61 7.77 14.99
C ILE A 46 19.13 7.96 14.95
N TYR A 47 19.59 9.04 14.33
CA TYR A 47 21.02 9.37 14.42
C TYR A 47 21.34 10.05 15.76
N ASP A 48 22.15 9.38 16.58
CA ASP A 48 22.59 9.94 17.86
C ASP A 48 23.92 10.67 17.72
N GLU A 49 23.89 11.99 17.95
CA GLU A 49 25.05 12.85 17.76
C GLU A 49 26.07 12.75 18.91
N GLU A 50 25.60 12.36 20.08
CA GLU A 50 26.48 12.19 21.24
C GLU A 50 27.40 10.97 21.11
N THR A 51 26.96 9.98 20.34
CA THR A 51 27.71 8.74 20.09
C THR A 51 28.05 8.52 18.62
N ASP A 52 27.55 9.43 17.76
CA ASP A 52 27.84 9.40 16.31
C ASP A 52 27.43 8.10 15.60
N CYS A 53 26.23 7.61 15.89
CA CYS A 53 25.76 6.37 15.31
C CYS A 53 24.25 6.28 15.31
N MET A 54 23.71 5.35 14.54
CA MET A 54 22.28 5.07 14.52
C MET A 54 21.87 4.27 15.74
N ILE A 55 20.77 4.68 16.37
CA ILE A 55 20.20 3.96 17.50
C ILE A 55 18.72 3.75 17.22
N GLU A 56 18.22 2.57 17.55
CA GLU A 56 16.80 2.27 17.43
C GLU A 56 16.06 2.73 18.68
N LYS A 57 14.98 3.48 18.47
CA LYS A 57 14.26 4.11 19.55
C LYS A 57 12.75 4.00 19.36
N ASN A 58 12.03 3.90 20.47
CA ASN A 58 10.58 3.94 20.43
C ASN A 58 10.13 5.37 20.38
N VAL A 59 9.44 5.74 19.30
CA VAL A 59 9.04 7.12 19.09
C VAL A 59 7.56 7.17 18.77
N THR A 60 6.96 8.34 18.97
CA THR A 60 5.58 8.56 18.57
C THR A 60 5.64 9.68 17.57
N ILE A 61 5.24 9.38 16.33
CA ILE A 61 5.25 10.38 15.25
C ILE A 61 3.98 10.29 14.40
N VAL A 62 3.72 11.35 13.64
CA VAL A 62 2.61 11.37 12.71
C VAL A 62 3.19 11.08 11.35
N PRO A 63 2.88 9.93 10.77
CA PRO A 63 3.50 9.53 9.48
C PRO A 63 3.26 10.53 8.36
N GLY A 64 2.08 11.14 8.26
CA GLY A 64 1.83 12.08 7.18
C GLY A 64 2.77 13.30 7.19
N LEU A 65 3.11 13.76 8.37
CA LEU A 65 4.03 14.89 8.53
C LEU A 65 5.44 14.52 8.05
N PHE A 66 5.88 13.34 8.45
CA PHE A 66 7.17 12.83 8.01
C PHE A 66 7.18 12.69 6.47
N LYS A 67 6.08 12.21 5.91
CA LYS A 67 5.96 11.99 4.46
C LYS A 67 6.03 13.26 3.61
N ILE A 68 5.40 14.35 4.04
CA ILE A 68 5.43 15.54 3.21
C ILE A 68 6.84 16.12 3.11
N PHE A 69 7.61 15.98 4.18
CA PHE A 69 9.03 16.33 4.19
C PHE A 69 9.82 15.43 3.19
N ASP A 70 9.60 14.12 3.32
CA ASP A 70 10.20 13.13 2.42
C ASP A 70 9.91 13.38 0.92
N GLU A 71 8.70 13.82 0.60
CA GLU A 71 8.35 14.12 -0.78
C GLU A 71 9.30 15.20 -1.35
N ILE A 72 9.61 16.19 -0.53
CA ILE A 72 10.47 17.31 -0.99
C ILE A 72 11.92 16.86 -1.09
N LEU A 73 12.35 16.03 -0.15
CA LEU A 73 13.72 15.49 -0.15
C LEU A 73 13.99 14.66 -1.38
N VAL A 74 13.04 13.77 -1.69
CA VAL A 74 13.19 12.88 -2.84
C VAL A 74 13.19 13.64 -4.17
N ASN A 75 12.38 14.71 -4.26
CA ASN A 75 12.44 15.62 -5.44
C ASN A 75 13.81 16.21 -5.64
N ALA A 76 14.46 16.58 -4.55
CA ALA A 76 15.81 17.13 -4.63
C ALA A 76 16.81 16.08 -5.09
N ALA A 77 16.71 14.87 -4.54
CA ALA A 77 17.54 13.75 -4.99
C ALA A 77 17.31 13.45 -6.45
N ASP A 78 16.05 13.54 -6.89
CA ASP A 78 15.71 13.31 -8.29
C ASP A 78 16.45 14.26 -9.22
N ASN A 79 16.80 15.45 -8.72
CA ASN A 79 17.50 16.42 -9.55
C ASN A 79 18.91 16.00 -9.90
N LYS A 80 19.52 15.13 -9.08
CA LYS A 80 20.85 14.58 -9.39
C LYS A 80 20.81 13.67 -10.63
N VAL A 81 19.68 13.00 -10.83
CA VAL A 81 19.44 12.15 -11.99
C VAL A 81 19.32 13.01 -13.25
N ARG A 82 18.47 14.02 -13.20
CA ARG A 82 18.30 14.96 -14.33
C ARG A 82 19.55 15.83 -14.57
N ASP A 83 20.27 16.17 -13.50
CA ASP A 83 21.51 16.95 -13.64
C ASP A 83 22.65 16.35 -12.82
N PRO A 84 23.46 15.50 -13.45
CA PRO A 84 24.60 14.85 -12.77
C PRO A 84 25.65 15.82 -12.17
N SER A 85 25.67 17.08 -12.60
CA SER A 85 26.63 18.05 -12.07
C SER A 85 26.22 18.61 -10.69
N MET A 86 25.00 18.28 -10.25
CA MET A 86 24.51 18.71 -8.93
C MET A 86 25.42 18.16 -7.82
N LYS A 87 25.77 19.01 -6.86
CA LYS A 87 26.76 18.61 -5.84
C LYS A 87 26.22 18.68 -4.40
N ARG A 88 25.18 19.46 -4.18
CA ARG A 88 24.84 19.89 -2.82
C ARG A 88 23.34 19.91 -2.56
N ILE A 89 22.96 19.36 -1.42
CA ILE A 89 21.62 19.52 -0.89
C ILE A 89 21.72 20.08 0.53
N ASP A 90 20.98 21.16 0.79
CA ASP A 90 20.89 21.76 2.11
C ASP A 90 19.50 21.51 2.67
N VAL A 91 19.44 21.03 3.91
CA VAL A 91 18.16 20.92 4.59
C VAL A 91 18.26 21.71 5.86
N ASN A 92 17.42 22.74 6.00
CA ASN A 92 17.39 23.53 7.23
C ASN A 92 16.06 23.36 7.96
N ILE A 93 16.12 22.89 9.20
CA ILE A 93 14.91 22.75 10.01
C ILE A 93 14.93 23.77 11.15
N HIS A 94 13.95 24.67 11.12
CA HIS A 94 13.84 25.68 12.14
C HIS A 94 12.64 25.34 13.03
N ALA A 95 12.92 24.55 14.06
CA ALA A 95 11.87 23.91 14.84
C ALA A 95 10.94 24.93 15.50
N GLU A 96 11.53 25.91 16.18
CA GLU A 96 10.75 26.95 16.84
C GLU A 96 9.85 27.71 15.86
N GLU A 97 10.33 27.90 14.63
CA GLU A 97 9.58 28.63 13.61
C GLU A 97 8.68 27.73 12.75
N HIS A 98 8.71 26.42 13.02
CA HIS A 98 7.94 25.43 12.26
C HIS A 98 8.19 25.48 10.74
N THR A 99 9.41 25.88 10.33
CA THR A 99 9.74 25.92 8.90
C THR A 99 10.83 24.95 8.54
N ILE A 100 10.70 24.37 7.36
CA ILE A 100 11.67 23.44 6.80
C ILE A 100 12.06 23.94 5.40
N GLU A 101 13.35 24.01 5.11
CA GLU A 101 13.83 24.42 3.79
C GLU A 101 14.63 23.29 3.17
N VAL A 102 14.39 23.00 1.91
CA VAL A 102 15.24 22.07 1.16
C VAL A 102 15.74 22.74 -0.12
N LYS A 103 17.07 22.86 -0.23
CA LYS A 103 17.68 23.53 -1.36
C LYS A 103 18.64 22.58 -2.06
N ASN A 104 18.56 22.55 -3.38
CA ASN A 104 19.50 21.79 -4.15
C ASN A 104 20.13 22.68 -5.20
N ASP A 105 21.37 22.39 -5.56
CA ASP A 105 21.96 23.10 -6.67
C ASP A 105 21.77 22.28 -7.95
N GLY A 106 22.52 22.61 -9.00
CA GLY A 106 22.26 22.04 -10.30
C GLY A 106 21.06 22.72 -10.95
N LYS A 107 20.61 22.19 -12.07
CA LYS A 107 19.55 22.80 -12.89
C LYS A 107 18.32 23.15 -12.05
N GLY A 108 17.83 24.39 -12.20
CA GLY A 108 16.59 24.81 -11.55
C GLY A 108 15.37 24.46 -12.40
N ILE A 109 14.23 25.08 -12.10
CA ILE A 109 12.99 24.90 -12.89
C ILE A 109 12.92 25.97 -13.98
N PRO A 110 12.57 25.59 -15.21
CA PRO A 110 12.46 26.56 -16.31
C PRO A 110 11.46 27.68 -15.99
N ILE A 111 11.92 28.91 -16.11
CA ILE A 111 11.07 30.08 -15.87
C ILE A 111 10.45 30.50 -17.19
N GLU A 112 9.38 29.80 -17.56
CA GLU A 112 8.74 29.96 -18.86
C GLU A 112 7.27 29.66 -18.72
N ILE A 113 6.47 30.34 -19.54
CA ILE A 113 5.05 30.04 -19.65
C ILE A 113 4.88 28.72 -20.37
N HIS A 114 4.11 27.83 -19.79
CA HIS A 114 3.76 26.57 -20.45
C HIS A 114 2.84 26.89 -21.63
N ASN A 115 3.22 26.43 -22.82
CA ASN A 115 2.50 26.77 -24.04
C ASN A 115 1.11 26.13 -24.15
N LYS A 116 0.84 25.17 -23.29
CA LYS A 116 -0.47 24.56 -23.22
C LYS A 116 -1.28 25.11 -22.05
N GLU A 117 -0.67 25.17 -20.87
CA GLU A 117 -1.39 25.56 -19.66
C GLU A 117 -1.48 27.07 -19.48
N ASN A 118 -0.63 27.82 -20.19
CA ASN A 118 -0.67 29.29 -20.18
C ASN A 118 -0.32 29.93 -18.82
N ILE A 119 0.45 29.21 -18.02
CA ILE A 119 0.96 29.70 -16.74
C ILE A 119 2.41 29.32 -16.65
N TYR A 120 3.12 29.91 -15.69
CA TYR A 120 4.53 29.62 -15.49
C TYR A 120 4.71 28.19 -15.01
N ILE A 121 5.73 27.53 -15.54
CA ILE A 121 5.96 26.12 -15.25
C ILE A 121 6.06 25.82 -13.74
N PRO A 122 6.80 26.61 -12.95
CA PRO A 122 6.85 26.37 -11.50
C PRO A 122 5.47 26.42 -10.82
N GLU A 123 4.64 27.40 -11.19
CA GLU A 123 3.25 27.48 -10.69
C GLU A 123 2.46 26.22 -11.07
N MET A 124 2.67 25.75 -12.31
CA MET A 124 1.99 24.56 -12.80
C MET A 124 2.35 23.32 -11.99
N ILE A 125 3.65 23.06 -11.82
CA ILE A 125 4.12 21.80 -11.26
C ILE A 125 4.21 21.75 -9.74
N PHE A 126 4.08 22.93 -9.09
CA PHE A 126 4.01 22.98 -7.62
C PHE A 126 2.63 23.37 -7.07
N GLY A 127 1.73 23.84 -7.94
CA GLY A 127 0.45 24.37 -7.53
C GLY A 127 -0.79 23.72 -8.16
N HIS A 128 -0.59 22.69 -8.97
CA HIS A 128 -1.71 21.95 -9.58
C HIS A 128 -1.47 20.44 -9.51
N LEU A 129 -2.48 19.70 -9.06
CA LEU A 129 -2.41 18.25 -9.03
C LEU A 129 -2.19 17.66 -10.42
N LEU A 130 -1.48 16.52 -10.46
CA LEU A 130 -1.32 15.73 -11.68
C LEU A 130 -0.43 16.42 -12.69
N THR A 131 0.69 16.96 -12.21
CA THR A 131 1.67 17.63 -13.05
C THR A 131 3.01 17.03 -12.77
N SER A 132 3.74 16.71 -13.83
CA SER A 132 4.97 15.95 -13.69
C SER A 132 5.81 15.99 -14.95
N SER A 133 7.11 15.79 -14.80
CA SER A 133 8.01 15.52 -15.93
C SER A 133 8.22 14.00 -16.09
N ASN A 134 7.48 13.21 -15.31
CA ASN A 134 7.70 11.76 -15.28
C ASN A 134 6.60 10.93 -15.93
N TYR A 135 5.81 11.54 -16.81
CA TYR A 135 4.62 10.87 -17.39
C TYR A 135 4.88 10.14 -18.73
N ASP A 136 6.07 10.31 -19.29
CA ASP A 136 6.43 9.63 -20.53
C ASP A 136 7.33 8.41 -20.23
N ASP A 137 6.73 7.23 -20.16
CA ASP A 137 7.49 6.03 -19.77
C ASP A 137 8.18 5.35 -20.95
N ASP A 138 8.21 6.02 -22.10
CA ASP A 138 9.09 5.61 -23.19
C ASP A 138 10.55 5.83 -22.79
N GLU A 139 10.77 6.83 -21.93
CA GLU A 139 12.09 7.01 -21.30
C GLU A 139 12.17 6.12 -20.06
N LYS A 140 13.23 5.33 -19.97
CA LYS A 140 13.45 4.50 -18.78
C LYS A 140 14.25 5.30 -17.76
N LYS A 141 13.56 5.78 -16.74
CA LYS A 141 14.15 6.70 -15.77
C LYS A 141 14.36 6.06 -14.42
N VAL A 142 15.43 6.48 -13.73
CA VAL A 142 15.68 6.02 -12.38
C VAL A 142 15.43 7.13 -11.34
N THR A 143 14.54 8.06 -11.67
CA THR A 143 13.98 9.01 -10.69
C THR A 143 13.04 8.31 -9.72
N GLY A 144 12.92 8.85 -8.53
CA GLY A 144 11.89 8.45 -7.59
C GLY A 144 10.51 8.98 -7.97
N GLY A 145 10.46 10.12 -8.66
CA GLY A 145 9.18 10.73 -9.01
C GLY A 145 8.43 9.94 -10.07
N ARG A 146 7.13 9.72 -9.85
CA ARG A 146 6.32 8.87 -10.72
C ARG A 146 4.93 9.45 -11.04
N ASN A 147 4.23 9.98 -10.04
CA ASN A 147 2.79 10.26 -10.17
C ASN A 147 2.35 11.71 -10.33
N GLY A 148 3.23 12.64 -10.01
CA GLY A 148 2.90 14.06 -10.10
C GLY A 148 2.02 14.57 -8.99
N TYR A 149 2.19 14.02 -7.78
CA TYR A 149 1.45 14.44 -6.58
C TYR A 149 2.32 15.01 -5.47
N GLY A 150 3.53 14.45 -5.32
CA GLY A 150 4.40 14.72 -4.17
C GLY A 150 4.49 16.15 -3.65
N ALA A 151 4.96 17.07 -4.48
CA ALA A 151 5.16 18.46 -4.08
C ALA A 151 3.84 19.18 -3.76
N LYS A 152 2.77 18.83 -4.48
CA LYS A 152 1.46 19.41 -4.23
C LYS A 152 0.89 18.91 -2.91
N LEU A 153 1.15 17.64 -2.57
CA LEU A 153 0.71 17.11 -1.29
C LEU A 153 1.38 17.86 -0.13
N CYS A 154 2.67 18.14 -0.27
CA CYS A 154 3.35 18.97 0.72
C CYS A 154 2.70 20.38 0.81
N ASN A 155 2.52 21.01 -0.35
CA ASN A 155 1.83 22.32 -0.43
C ASN A 155 0.44 22.28 0.24
N ILE A 156 -0.34 21.25 -0.08
CA ILE A 156 -1.69 21.07 0.45
C ILE A 156 -1.70 20.93 1.96
N PHE A 157 -0.66 20.32 2.51
CA PHE A 157 -0.56 20.15 3.96
C PHE A 157 0.35 21.16 4.64
N SER A 158 0.52 22.31 4.00
CA SER A 158 1.29 23.42 4.54
C SER A 158 0.42 24.68 4.67
N THR A 159 0.70 25.48 5.68
CA THR A 159 0.05 26.79 5.82
C THR A 159 0.76 27.81 4.94
N GLU A 160 2.01 27.51 4.59
CA GLU A 160 2.82 28.38 3.74
C GLU A 160 3.81 27.49 3.00
N PHE A 161 3.96 27.77 1.71
CA PHE A 161 4.83 26.96 0.86
C PHE A 161 5.45 27.89 -0.18
N ILE A 162 6.79 27.95 -0.21
CA ILE A 162 7.52 28.87 -1.07
C ILE A 162 8.45 28.12 -1.98
N LEU A 163 8.30 28.37 -3.27
CA LEU A 163 9.23 27.89 -4.26
C LEU A 163 10.12 29.03 -4.74
N GLU A 164 11.43 28.80 -4.70
CA GLU A 164 12.38 29.74 -5.27
C GLU A 164 13.28 28.98 -6.23
N THR A 165 13.50 29.53 -7.41
CA THR A 165 14.38 28.91 -8.39
C THR A 165 15.07 29.95 -9.28
N ALA A 166 16.26 29.60 -9.77
CA ALA A 166 16.97 30.47 -10.71
C ALA A 166 17.26 29.71 -11.99
N ASP A 167 17.01 30.37 -13.12
CA ASP A 167 17.07 29.75 -14.45
C ASP A 167 18.06 30.54 -15.29
N LEU A 168 19.17 29.90 -15.64
CA LEU A 168 20.27 30.56 -16.32
C LEU A 168 20.03 30.74 -17.82
N ASN A 169 19.08 29.99 -18.37
CA ASN A 169 18.70 30.14 -19.78
C ASN A 169 18.03 31.49 -20.04
N VAL A 170 17.18 31.93 -19.11
CA VAL A 170 16.52 33.22 -19.22
C VAL A 170 17.20 34.30 -18.37
N GLY A 171 18.03 33.87 -17.43
CA GLY A 171 18.73 34.76 -16.52
C GLY A 171 17.78 35.45 -15.57
N GLN A 172 16.95 34.65 -14.89
CA GLN A 172 15.94 35.17 -13.99
C GLN A 172 15.83 34.33 -12.73
N LYS A 173 15.36 34.96 -11.66
CA LYS A 173 15.00 34.27 -10.43
C LYS A 173 13.48 34.37 -10.27
N TYR A 174 12.88 33.33 -9.73
CA TYR A 174 11.42 33.19 -9.63
C TYR A 174 11.14 32.79 -8.19
N VAL A 175 10.29 33.57 -7.52
CA VAL A 175 9.89 33.26 -6.15
C VAL A 175 8.36 33.29 -6.11
N GLN A 176 7.75 32.20 -5.62
CA GLN A 176 6.29 32.12 -5.55
C GLN A 176 5.82 31.51 -4.23
N LYS A 177 4.87 32.20 -3.60
CA LYS A 177 4.36 31.77 -2.32
C LYS A 177 2.91 31.30 -2.43
N TRP A 178 2.64 30.11 -1.86
CA TRP A 178 1.26 29.65 -1.64
C TRP A 178 0.97 29.70 -0.15
N GLU A 179 -0.30 29.84 0.20
CA GLU A 179 -0.70 29.80 1.61
C GLU A 179 -1.98 29.00 1.76
N ASN A 180 -2.29 28.64 3.00
CA ASN A 180 -3.56 27.99 3.36
C ASN A 180 -3.84 26.76 2.52
N ASN A 181 -2.96 25.76 2.66
CA ASN A 181 -3.18 24.46 2.04
C ASN A 181 -3.29 24.54 0.52
N MET A 182 -2.42 25.35 -0.09
CA MET A 182 -2.37 25.55 -1.55
C MET A 182 -3.55 26.34 -2.14
N SER A 183 -4.47 26.78 -1.27
CA SER A 183 -5.69 27.47 -1.74
C SER A 183 -5.42 28.92 -2.13
N ILE A 184 -4.36 29.50 -1.58
CA ILE A 184 -3.93 30.86 -1.93
C ILE A 184 -2.63 30.78 -2.73
N CYS A 185 -2.67 31.29 -3.96
CA CYS A 185 -1.53 31.25 -4.85
C CYS A 185 -1.20 32.69 -5.27
N HIS A 186 -0.17 33.26 -4.66
CA HIS A 186 0.26 34.61 -4.99
C HIS A 186 1.03 34.60 -6.31
N PRO A 187 0.92 35.67 -7.11
CA PRO A 187 1.65 35.73 -8.37
C PRO A 187 3.15 35.68 -8.11
N PRO A 188 3.94 35.12 -9.02
CA PRO A 188 5.40 34.99 -8.78
C PRO A 188 6.12 36.34 -8.84
N LYS A 189 7.17 36.48 -8.04
CA LYS A 189 8.09 37.61 -8.16
C LYS A 189 9.26 37.16 -9.03
N ILE A 190 9.43 37.79 -10.19
CA ILE A 190 10.47 37.41 -11.15
C ILE A 190 11.44 38.56 -11.33
N THR A 191 12.72 38.29 -11.12
CA THR A 191 13.75 39.32 -11.16
C THR A 191 14.92 38.88 -12.01
N SER A 192 15.71 39.85 -12.44
CA SER A 192 16.92 39.56 -13.19
C SER A 192 17.93 38.86 -12.29
N TYR A 193 18.56 37.83 -12.83
CA TYR A 193 19.53 37.02 -12.08
C TYR A 193 20.68 36.73 -13.01
N LYS A 194 21.78 37.45 -12.84
CA LYS A 194 22.95 37.31 -13.68
C LYS A 194 24.13 36.86 -12.85
N LYS A 195 25.04 36.11 -13.46
CA LYS A 195 26.31 35.74 -12.85
C LYS A 195 26.16 35.03 -11.47
N GLY A 196 25.26 34.05 -11.41
CA GLY A 196 25.15 33.16 -10.28
C GLY A 196 24.71 31.76 -10.70
N PRO A 197 24.81 30.80 -9.78
CA PRO A 197 24.44 29.41 -10.07
C PRO A 197 22.93 29.17 -10.11
N SER A 198 22.52 28.11 -10.80
CA SER A 198 21.13 27.70 -10.72
C SER A 198 20.90 26.91 -9.43
N TYR A 199 19.66 26.88 -8.98
CA TYR A 199 19.28 26.16 -7.78
C TYR A 199 17.76 26.17 -7.66
N THR A 200 17.26 25.33 -6.76
CA THR A 200 15.87 25.37 -6.35
C THR A 200 15.81 25.25 -4.84
N LYS A 201 14.98 26.09 -4.23
CA LYS A 201 14.79 26.06 -2.80
C LYS A 201 13.29 26.01 -2.53
N VAL A 202 12.89 25.00 -1.75
CA VAL A 202 11.50 24.84 -1.31
C VAL A 202 11.46 25.08 0.18
N THR A 203 10.62 26.04 0.60
CA THR A 203 10.45 26.32 2.03
C THR A 203 8.99 26.09 2.40
N PHE A 204 8.75 25.31 3.43
CA PHE A 204 7.37 25.07 3.86
C PHE A 204 7.18 25.09 5.37
N LYS A 205 5.97 25.48 5.77
CA LYS A 205 5.54 25.47 7.14
C LYS A 205 4.37 24.49 7.20
N PRO A 206 4.59 23.27 7.69
CA PRO A 206 3.54 22.26 7.75
C PRO A 206 2.36 22.74 8.60
N ASP A 207 1.15 22.41 8.14
CA ASP A 207 -0.09 22.76 8.83
C ASP A 207 -0.24 21.80 9.99
N LEU A 208 0.37 22.15 11.12
CA LEU A 208 0.47 21.25 12.24
C LEU A 208 -0.90 20.95 12.86
N THR A 209 -1.85 21.86 12.67
CA THR A 209 -3.23 21.62 13.10
C THR A 209 -3.80 20.34 12.47
N ARG A 210 -3.53 20.12 11.19
CA ARG A 210 -4.08 18.97 10.48
C ARG A 210 -3.37 17.65 10.86
N PHE A 211 -2.26 17.78 11.57
CA PHE A 211 -1.47 16.63 12.05
C PHE A 211 -1.62 16.46 13.56
N GLY A 212 -2.52 17.25 14.15
CA GLY A 212 -2.78 17.20 15.57
C GLY A 212 -1.61 17.61 16.45
N MET A 213 -0.79 18.53 15.97
CA MET A 213 0.41 18.94 16.69
C MET A 213 0.44 20.45 16.94
N LYS A 214 1.16 20.84 17.98
CA LYS A 214 1.35 22.26 18.28
C LYS A 214 2.78 22.71 17.96
N GLU A 215 3.72 21.76 18.03
CA GLU A 215 5.13 22.02 17.75
C GLU A 215 5.77 20.79 17.09
N LEU A 216 6.96 20.98 16.53
CA LEU A 216 7.78 19.87 16.04
C LEU A 216 8.60 19.33 17.18
N ASP A 217 8.21 18.18 17.72
CA ASP A 217 8.90 17.63 18.90
C ASP A 217 10.15 16.81 18.55
N ASN A 218 10.81 16.31 19.59
CA ASN A 218 12.09 15.63 19.41
C ASN A 218 12.01 14.32 18.63
N ASP A 219 10.87 13.64 18.70
CA ASP A 219 10.67 12.40 17.94
C ASP A 219 10.60 12.66 16.43
N ILE A 220 9.75 13.60 16.00
CA ILE A 220 9.65 13.91 14.57
C ILE A 220 10.96 14.50 14.01
N LEU A 221 11.56 15.40 14.76
CA LEU A 221 12.86 15.96 14.37
C LEU A 221 13.93 14.87 14.27
N GLY A 222 13.88 13.90 15.18
CA GLY A 222 14.83 12.79 15.15
C GLY A 222 14.73 11.99 13.85
N VAL A 223 13.51 11.64 13.47
CA VAL A 223 13.34 10.81 12.28
C VAL A 223 13.58 11.63 11.01
N MET A 224 13.18 12.90 11.01
CA MET A 224 13.43 13.78 9.86
C MET A 224 14.92 13.90 9.59
N ARG A 225 15.69 14.10 10.66
CA ARG A 225 17.13 14.24 10.53
C ARG A 225 17.79 12.96 9.98
N ARG A 226 17.33 11.80 10.46
CA ARG A 226 17.86 10.54 9.95
C ARG A 226 17.57 10.36 8.46
N ARG A 227 16.40 10.82 8.03
CA ARG A 227 16.01 10.68 6.64
C ARG A 227 16.95 11.48 5.73
N VAL A 228 17.51 12.57 6.28
CA VAL A 228 18.50 13.34 5.55
C VAL A 228 19.82 12.57 5.44
N TYR A 229 20.20 11.85 6.50
CA TYR A 229 21.33 10.92 6.39
C TYR A 229 21.09 9.86 5.30
N ASP A 230 19.88 9.29 5.25
CA ASP A 230 19.48 8.32 4.21
C ASP A 230 19.80 8.87 2.81
N ILE A 231 19.43 10.13 2.57
CA ILE A 231 19.63 10.80 1.27
C ILE A 231 21.12 10.88 0.92
N ASN A 232 21.93 11.33 1.87
CA ASN A 232 23.39 11.33 1.70
C ASN A 232 23.91 9.93 1.41
N GLY A 233 23.35 8.94 2.12
CA GLY A 233 23.73 7.55 1.93
C GLY A 233 23.36 6.94 0.58
N SER A 234 22.20 7.31 0.04
CA SER A 234 21.64 6.63 -1.14
C SER A 234 21.98 7.30 -2.48
N VAL A 235 22.10 8.64 -2.48
CA VAL A 235 22.40 9.38 -3.70
C VAL A 235 23.91 9.41 -3.90
N ARG A 236 24.37 8.96 -5.07
CA ARG A 236 25.79 8.99 -5.43
C ARG A 236 26.30 10.40 -5.60
N ASP A 237 27.51 10.65 -5.09
CA ASP A 237 28.30 11.82 -5.46
C ASP A 237 27.62 13.15 -5.08
N ILE A 238 27.04 13.21 -3.89
CA ILE A 238 26.52 14.49 -3.37
C ILE A 238 26.98 14.80 -1.96
N ASN A 239 26.78 16.04 -1.57
CA ASN A 239 27.19 16.54 -0.28
C ASN A 239 25.96 17.09 0.40
N VAL A 240 25.62 16.55 1.57
CA VAL A 240 24.39 16.96 2.23
C VAL A 240 24.69 17.70 3.53
N TYR A 241 23.91 18.74 3.79
CA TYR A 241 24.08 19.59 4.95
C TYR A 241 22.79 19.65 5.71
N LEU A 242 22.89 19.59 7.03
CA LEU A 242 21.74 19.76 7.90
C LEU A 242 21.97 20.99 8.79
N ASN A 243 21.15 22.01 8.62
CA ASN A 243 21.35 23.29 9.29
C ASN A 243 22.81 23.76 9.21
N GLY A 244 23.38 23.65 8.01
CA GLY A 244 24.72 24.13 7.74
C GLY A 244 25.86 23.17 8.07
N LYS A 245 25.53 22.04 8.70
CA LYS A 245 26.57 21.10 9.12
C LYS A 245 26.66 19.93 8.17
N SER A 246 27.88 19.63 7.71
CA SER A 246 28.12 18.48 6.83
C SER A 246 27.75 17.18 7.53
N LEU A 247 27.04 16.31 6.82
CA LEU A 247 26.71 14.98 7.32
C LEU A 247 27.86 14.00 7.17
N LYS A 248 28.92 14.45 6.50
CA LYS A 248 30.22 13.73 6.44
C LYS A 248 30.24 12.47 5.56
N ILE A 249 29.17 11.68 5.58
CA ILE A 249 29.17 10.41 4.85
C ILE A 249 29.17 10.69 3.35
N ARG A 250 29.82 9.84 2.58
CA ARG A 250 30.04 10.13 1.17
C ARG A 250 29.43 9.08 0.25
N ASN A 251 29.07 7.92 0.80
CA ASN A 251 28.50 6.82 0.01
C ASN A 251 27.69 5.86 0.88
N PHE A 252 27.14 4.81 0.28
CA PHE A 252 26.25 3.88 0.99
C PHE A 252 27.00 3.03 2.02
N LYS A 253 28.24 2.67 1.73
CA LYS A 253 29.05 1.93 2.69
C LYS A 253 29.20 2.75 3.98
N ASN A 254 29.52 4.04 3.84
CA ASN A 254 29.63 4.95 5.00
C ASN A 254 28.30 5.00 5.76
N TYR A 255 27.20 5.01 5.03
CA TYR A 255 25.89 5.09 5.65
C TYR A 255 25.61 3.84 6.50
N VAL A 256 25.85 2.67 5.93
CA VAL A 256 25.59 1.41 6.62
C VAL A 256 26.47 1.31 7.88
N GLU A 257 27.69 1.85 7.78
CA GLU A 257 28.64 1.90 8.89
C GLU A 257 28.11 2.68 10.11
N LEU A 258 27.16 3.60 9.90
CA LEU A 258 26.55 4.32 11.02
C LEU A 258 25.74 3.40 11.94
N TYR A 259 25.36 2.24 11.42
CA TYR A 259 24.61 1.24 12.18
C TYR A 259 25.53 0.24 12.91
N LEU A 260 26.84 0.44 12.79
CA LEU A 260 27.82 -0.54 13.27
C LEU A 260 27.76 -0.78 14.78
N LYS A 261 27.69 0.29 15.56
CA LYS A 261 27.65 0.20 17.02
C LYS A 261 26.45 -0.61 17.52
N SER A 262 25.29 -0.40 16.91
CA SER A 262 24.08 -1.11 17.32
C SER A 262 24.07 -2.57 16.86
N LEU A 263 24.63 -2.82 15.68
CA LEU A 263 24.78 -4.19 15.17
C LEU A 263 25.85 -4.96 15.95
N ILE A 281 36.34 -11.48 11.40
CA ILE A 281 34.99 -11.53 10.86
C ILE A 281 34.28 -10.18 11.03
N PRO A 282 34.10 -9.45 9.94
CA PRO A 282 33.48 -8.11 9.99
C PRO A 282 32.01 -8.18 10.35
N THR A 283 31.56 -7.22 11.14
CA THR A 283 30.15 -7.09 11.51
C THR A 283 29.29 -6.78 10.27
N ILE A 284 29.78 -5.88 9.43
CA ILE A 284 29.09 -5.49 8.21
C ILE A 284 29.87 -5.92 6.97
N LEU A 285 29.21 -6.64 6.09
CA LEU A 285 29.79 -7.05 4.83
C LEU A 285 29.11 -6.27 3.69
N TYR A 286 29.86 -5.40 3.03
CA TYR A 286 29.31 -4.54 1.97
C TYR A 286 29.87 -4.93 0.61
N GLU A 287 29.03 -4.86 -0.42
CA GLU A 287 29.48 -5.00 -1.80
C GLU A 287 28.64 -4.19 -2.78
N ARG A 288 29.32 -3.46 -3.66
CA ARG A 288 28.69 -2.96 -4.86
C ARG A 288 28.70 -4.09 -5.89
N ILE A 289 27.52 -4.53 -6.29
CA ILE A 289 27.38 -5.63 -7.24
C ILE A 289 27.52 -5.11 -8.67
N ASN A 290 26.90 -3.96 -8.92
CA ASN A 290 27.08 -3.24 -10.19
C ASN A 290 26.67 -1.79 -9.99
N ASN A 291 26.64 -1.02 -11.08
CA ASN A 291 26.35 0.41 -10.95
C ASN A 291 24.93 0.75 -10.50
N ARG A 292 24.08 -0.27 -10.36
CA ARG A 292 22.70 -0.06 -9.92
C ARG A 292 22.33 -0.76 -8.61
N TRP A 293 23.23 -1.59 -8.10
CA TRP A 293 22.96 -2.39 -6.91
C TRP A 293 24.12 -2.43 -5.92
N GLU A 294 23.84 -2.01 -4.68
CA GLU A 294 24.75 -2.23 -3.56
C GLU A 294 24.01 -2.97 -2.46
N VAL A 295 24.69 -3.92 -1.83
CA VAL A 295 24.07 -4.74 -0.80
C VAL A 295 25.05 -4.83 0.38
N ALA A 296 24.51 -4.71 1.59
CA ALA A 296 25.28 -5.02 2.79
C ALA A 296 24.52 -6.02 3.66
N PHE A 297 25.28 -6.78 4.43
CA PHE A 297 24.74 -7.83 5.27
C PHE A 297 25.33 -7.75 6.67
N ALA A 298 24.48 -7.95 7.66
CA ALA A 298 24.90 -8.18 9.03
C ALA A 298 23.99 -9.26 9.62
N VAL A 299 24.46 -9.90 10.68
CA VAL A 299 23.62 -10.85 11.40
C VAL A 299 22.63 -10.10 12.28
N SER A 300 21.34 -10.52 12.25
CA SER A 300 20.33 -9.88 13.09
C SER A 300 20.16 -10.59 14.42
N ASP A 301 19.82 -9.81 15.45
CA ASP A 301 19.68 -10.32 16.80
C ASP A 301 18.38 -11.09 17.04
N ILE A 302 17.29 -10.61 16.46
CA ILE A 302 15.94 -11.02 16.87
C ILE A 302 15.14 -11.63 15.73
N SER A 303 15.19 -11.00 14.56
CA SER A 303 14.38 -11.40 13.42
C SER A 303 14.88 -10.72 12.15
N PHE A 304 14.22 -11.01 11.02
CA PHE A 304 14.60 -10.40 9.75
C PHE A 304 14.47 -8.89 9.82
N GLN A 305 15.52 -8.20 9.38
CA GLN A 305 15.52 -6.74 9.32
C GLN A 305 15.99 -6.31 7.93
N GLN A 306 15.40 -5.24 7.42
CA GLN A 306 15.86 -4.69 6.15
C GLN A 306 15.81 -3.16 6.14
N ILE A 307 16.80 -2.56 5.50
CA ILE A 307 16.77 -1.14 5.21
C ILE A 307 17.11 -1.03 3.75
N SER A 308 16.17 -0.49 2.97
CA SER A 308 16.32 -0.51 1.52
C SER A 308 15.86 0.83 0.89
N PHE A 309 16.45 1.13 -0.25
CA PHE A 309 16.20 2.35 -1.00
C PHE A 309 16.05 2.00 -2.49
N VAL A 310 15.00 2.55 -3.09
CA VAL A 310 14.74 2.46 -4.51
C VAL A 310 14.74 3.89 -5.04
N ASN A 311 15.71 4.21 -5.90
CA ASN A 311 15.84 5.57 -6.44
C ASN A 311 15.73 6.62 -5.34
N SER A 312 16.39 6.31 -4.23
CA SER A 312 16.43 7.16 -3.05
C SER A 312 15.17 7.18 -2.17
N ILE A 313 14.14 6.45 -2.58
CA ILE A 313 12.92 6.30 -1.75
C ILE A 313 13.20 5.25 -0.68
N ALA A 314 12.86 5.55 0.58
CA ALA A 314 12.98 4.54 1.63
C ALA A 314 11.81 3.54 1.55
N THR A 315 12.11 2.30 1.18
CA THR A 315 11.05 1.29 1.03
C THR A 315 10.91 0.51 2.33
N THR A 316 10.25 1.13 3.31
CA THR A 316 10.19 0.60 4.67
C THR A 316 9.32 -0.66 4.77
N MET A 317 8.48 -0.88 3.76
CA MET A 317 7.74 -2.15 3.69
C MET A 317 8.36 -3.13 2.67
N GLY A 318 9.56 -2.82 2.21
CA GLY A 318 10.28 -3.71 1.32
C GLY A 318 9.64 -3.85 -0.04
N GLY A 319 9.42 -5.09 -0.46
CA GLY A 319 8.82 -5.34 -1.76
C GLY A 319 9.66 -6.26 -2.60
N THR A 320 9.48 -6.16 -3.92
CA THR A 320 10.04 -7.15 -4.84
C THR A 320 11.56 -7.12 -4.91
N HIS A 321 12.17 -5.95 -4.69
CA HIS A 321 13.63 -5.85 -4.71
C HIS A 321 14.27 -6.53 -3.50
N VAL A 322 13.66 -6.33 -2.32
CA VAL A 322 14.12 -6.96 -1.08
C VAL A 322 13.98 -8.47 -1.18
N ASN A 323 12.83 -8.94 -1.68
CA ASN A 323 12.56 -10.37 -1.85
C ASN A 323 13.52 -11.00 -2.86
N TYR A 324 13.76 -10.27 -3.95
CA TYR A 324 14.72 -10.68 -4.98
C TYR A 324 16.09 -11.02 -4.38
N ILE A 325 16.63 -10.10 -3.57
CA ILE A 325 17.94 -10.25 -2.94
C ILE A 325 17.93 -11.32 -1.85
N THR A 326 16.96 -11.24 -0.93
CA THR A 326 16.97 -12.17 0.22
C THR A 326 16.68 -13.60 -0.20
N ASP A 327 15.74 -13.78 -1.14
CA ASP A 327 15.43 -15.12 -1.66
C ASP A 327 16.69 -15.79 -2.21
N GLN A 328 17.50 -15.02 -2.96
CA GLN A 328 18.74 -15.50 -3.53
C GLN A 328 19.71 -15.95 -2.46
N ILE A 329 19.89 -15.12 -1.44
CA ILE A 329 20.82 -15.41 -0.35
C ILE A 329 20.33 -16.64 0.43
N VAL A 330 19.04 -16.68 0.74
CA VAL A 330 18.44 -17.82 1.43
C VAL A 330 18.58 -19.12 0.64
N LYS A 331 18.29 -19.06 -0.66
CA LYS A 331 18.41 -20.24 -1.53
C LYS A 331 19.84 -20.78 -1.57
N LYS A 332 20.81 -19.87 -1.72
CA LYS A 332 22.21 -20.25 -1.82
C LYS A 332 22.76 -20.81 -0.49
N ILE A 333 22.40 -20.18 0.63
CA ILE A 333 22.79 -20.69 1.94
C ILE A 333 22.19 -22.08 2.17
N SER A 334 20.90 -22.22 1.89
CA SER A 334 20.21 -23.48 2.07
C SER A 334 20.90 -24.63 1.32
N GLU A 335 21.30 -24.35 0.07
CA GLU A 335 22.02 -25.31 -0.77
C GLU A 335 23.38 -25.72 -0.19
N ILE A 336 24.08 -24.79 0.43
CA ILE A 336 25.34 -25.10 1.14
C ILE A 336 25.05 -25.95 2.38
N LEU A 337 23.97 -25.62 3.09
CA LEU A 337 23.57 -26.36 4.29
C LEU A 337 23.17 -27.80 3.98
N LYS A 338 22.40 -27.98 2.91
CA LYS A 338 22.08 -29.31 2.40
C LYS A 338 23.17 -29.75 1.43
N LYS A 339 24.22 -30.38 1.97
CA LYS A 339 25.36 -30.81 1.16
C LYS A 339 26.13 -31.95 1.83
N VAL A 345 17.38 -26.94 7.01
CA VAL A 345 16.64 -26.03 7.87
C VAL A 345 15.55 -25.31 7.07
N LYS A 346 14.54 -24.78 7.76
CA LYS A 346 13.48 -24.03 7.06
C LYS A 346 14.00 -22.68 6.59
N SER A 347 13.50 -22.22 5.45
CA SER A 347 13.92 -20.94 4.86
C SER A 347 13.67 -19.74 5.78
N PHE A 348 12.57 -19.74 6.51
CA PHE A 348 12.33 -18.61 7.41
C PHE A 348 13.37 -18.53 8.55
N GLN A 349 14.00 -19.67 8.87
CA GLN A 349 15.02 -19.72 9.91
C GLN A 349 16.31 -18.99 9.47
N ILE A 350 16.67 -19.15 8.21
CA ILE A 350 17.81 -18.44 7.63
C ILE A 350 17.49 -16.96 7.46
N LYS A 351 16.35 -16.69 6.83
CA LYS A 351 15.90 -15.32 6.62
C LYS A 351 15.92 -14.49 7.91
N ASN A 352 15.40 -15.04 9.00
CA ASN A 352 15.25 -14.26 10.23
C ASN A 352 16.52 -14.06 11.06
N ASN A 353 17.65 -14.50 10.53
CA ASN A 353 18.93 -14.19 11.12
C ASN A 353 19.71 -13.16 10.28
N MET A 354 19.00 -12.56 9.33
CA MET A 354 19.63 -11.67 8.37
C MET A 354 19.18 -10.21 8.59
N PHE A 355 20.14 -9.30 8.57
CA PHE A 355 19.88 -7.88 8.47
C PHE A 355 20.42 -7.45 7.12
N ILE A 356 19.53 -7.08 6.20
CA ILE A 356 19.97 -6.73 4.85
C ILE A 356 19.84 -5.23 4.58
N PHE A 357 20.86 -4.67 3.94
CA PHE A 357 20.84 -3.28 3.46
C PHE A 357 20.90 -3.29 1.92
N ILE A 358 20.00 -2.55 1.28
CA ILE A 358 19.95 -2.48 -0.19
C ILE A 358 19.81 -1.03 -0.71
N ASN A 359 20.69 -0.66 -1.63
CA ASN A 359 20.53 0.59 -2.32
C ASN A 359 20.50 0.31 -3.83
N CYS A 360 19.36 0.55 -4.45
CA CYS A 360 19.21 0.17 -5.85
C CYS A 360 18.52 1.22 -6.69
N LEU A 361 18.74 1.10 -7.99
CA LEU A 361 18.11 1.95 -8.99
C LEU A 361 17.26 1.06 -9.87
N ILE A 362 15.97 1.38 -9.92
CA ILE A 362 14.98 0.60 -10.65
C ILE A 362 14.32 1.49 -11.73
N GLU A 363 14.15 0.96 -12.93
CA GLU A 363 13.53 1.74 -14.01
C GLU A 363 12.04 1.88 -13.76
N ASN A 364 11.53 3.11 -13.86
CA ASN A 364 10.10 3.39 -13.81
C ASN A 364 9.33 2.51 -12.80
N PRO A 365 9.71 2.59 -11.52
CA PRO A 365 9.17 1.68 -10.49
C PRO A 365 7.70 1.91 -10.23
N ALA A 366 7.02 0.88 -9.74
CA ALA A 366 5.64 0.97 -9.32
C ALA A 366 5.56 0.50 -7.88
N PHE A 367 4.65 1.09 -7.12
CA PHE A 367 4.53 0.84 -5.69
C PHE A 367 3.05 0.62 -5.35
N THR A 368 2.78 0.09 -4.16
CA THR A 368 1.40 -0.09 -3.72
C THR A 368 0.64 1.24 -3.49
N SER A 369 1.35 2.30 -3.12
CA SER A 369 0.70 3.57 -2.77
C SER A 369 1.55 4.77 -3.13
N GLN A 370 0.94 5.95 -3.03
CA GLN A 370 1.67 7.20 -3.21
C GLN A 370 2.86 7.33 -2.25
N THR A 371 2.76 6.73 -1.05
CA THR A 371 3.86 6.81 -0.06
C THR A 371 5.10 5.99 -0.47
N LYS A 372 4.93 5.07 -1.42
CA LYS A 372 6.06 4.29 -1.99
C LYS A 372 6.85 3.50 -0.95
N GLU A 373 6.14 2.94 0.03
CA GLU A 373 6.79 2.14 1.05
C GLU A 373 7.10 0.74 0.55
N GLN A 374 6.40 0.31 -0.51
CA GLN A 374 6.52 -1.08 -0.99
C GLN A 374 6.59 -1.20 -2.51
N LEU A 375 7.73 -1.67 -3.01
CA LEU A 375 7.92 -1.84 -4.46
C LEU A 375 7.15 -3.05 -4.99
N THR A 376 6.48 -2.88 -6.13
CA THR A 376 5.72 -3.97 -6.77
C THR A 376 6.21 -4.32 -8.18
N THR A 377 7.12 -3.53 -8.74
CA THR A 377 7.74 -3.87 -10.03
C THR A 377 8.25 -5.31 -10.01
N ARG A 378 7.86 -6.09 -11.02
CA ARG A 378 8.40 -7.44 -11.20
C ARG A 378 9.88 -7.39 -11.52
N VAL A 379 10.64 -8.38 -11.02
CA VAL A 379 12.08 -8.45 -11.26
C VAL A 379 12.45 -8.28 -12.74
N LYS A 380 11.69 -8.92 -13.63
CA LYS A 380 12.02 -8.83 -15.06
C LYS A 380 11.90 -7.40 -15.62
N ASP A 381 11.21 -6.52 -14.90
CA ASP A 381 11.03 -5.13 -15.32
C ASP A 381 11.94 -4.13 -14.57
N PHE A 382 12.90 -4.65 -13.82
CA PHE A 382 13.82 -3.80 -13.04
C PHE A 382 14.70 -2.92 -13.94
N GLY A 383 15.06 -3.46 -15.11
CA GLY A 383 16.01 -2.82 -16.01
C GLY A 383 17.46 -3.17 -15.71
N SER A 384 17.65 -4.06 -14.72
CA SER A 384 18.97 -4.55 -14.37
C SER A 384 18.81 -5.85 -13.62
N ARG A 385 19.92 -6.56 -13.43
CA ARG A 385 19.94 -7.72 -12.55
C ARG A 385 20.93 -7.50 -11.43
N CYS A 386 20.80 -8.29 -10.38
CA CYS A 386 21.75 -8.29 -9.28
C CYS A 386 21.95 -9.73 -8.83
N GLU A 387 22.89 -10.43 -9.45
CA GLU A 387 23.21 -11.77 -8.96
C GLU A 387 24.21 -11.68 -7.83
N ILE A 388 23.86 -12.24 -6.68
CA ILE A 388 24.74 -12.23 -5.55
C ILE A 388 25.80 -13.33 -5.77
N PRO A 389 27.08 -12.96 -5.75
CA PRO A 389 28.15 -13.92 -6.09
C PRO A 389 28.46 -14.90 -4.95
N LEU A 390 29.00 -16.07 -5.31
CA LEU A 390 29.29 -17.11 -4.34
C LEU A 390 30.27 -16.63 -3.26
N GLU A 391 31.21 -15.77 -3.65
CA GLU A 391 32.19 -15.20 -2.73
C GLU A 391 31.52 -14.46 -1.57
N TYR A 392 30.48 -13.70 -1.91
CA TYR A 392 29.70 -12.98 -0.91
C TYR A 392 28.95 -13.95 0.00
N ILE A 393 28.32 -14.96 -0.59
CA ILE A 393 27.64 -16.01 0.20
C ILE A 393 28.64 -16.70 1.13
N ASN A 394 29.82 -17.03 0.61
CA ASN A 394 30.85 -17.67 1.42
C ASN A 394 31.27 -16.85 2.63
N LYS A 395 31.28 -15.53 2.45
CA LYS A 395 31.60 -14.63 3.55
C LYS A 395 30.49 -14.63 4.61
N ILE A 396 29.23 -14.67 4.17
CA ILE A 396 28.09 -14.82 5.09
C ILE A 396 28.18 -16.12 5.92
N MET A 397 28.65 -17.19 5.29
CA MET A 397 28.84 -18.48 5.95
C MET A 397 29.96 -18.48 7.02
N LYS A 398 30.70 -17.38 7.11
CA LYS A 398 31.73 -17.23 8.15
C LYS A 398 31.19 -16.53 9.39
N THR A 399 29.95 -16.04 9.31
CA THR A 399 29.34 -15.27 10.40
C THR A 399 28.56 -16.16 11.36
N ASP A 400 28.06 -15.53 12.43
CA ASP A 400 27.20 -16.18 13.41
C ASP A 400 25.99 -16.86 12.75
N LEU A 401 25.53 -16.31 11.63
CA LEU A 401 24.38 -16.89 10.90
C LEU A 401 24.60 -18.39 10.64
N ALA A 402 25.81 -18.75 10.23
CA ALA A 402 26.14 -20.14 9.92
C ALA A 402 26.11 -21.01 11.16
N THR A 403 26.72 -20.52 12.24
CA THR A 403 26.74 -21.22 13.51
C THR A 403 25.31 -21.54 13.97
N ARG A 404 24.44 -20.54 13.89
CA ARG A 404 23.05 -20.69 14.29
C ARG A 404 22.30 -21.70 13.44
N MET A 405 22.60 -21.76 12.14
CA MET A 405 21.93 -22.69 11.25
C MET A 405 22.43 -24.13 11.48
N PHE A 406 23.73 -24.28 11.68
CA PHE A 406 24.33 -25.59 11.99
C PHE A 406 23.73 -26.18 13.27
N GLU A 407 23.50 -25.34 14.26
CA GLU A 407 22.82 -25.74 15.51
C GLU A 407 21.42 -26.28 15.23
N ILE A 408 20.63 -25.52 14.46
CA ILE A 408 19.29 -25.99 14.08
C ILE A 408 19.39 -27.33 13.34
N ALA A 409 20.34 -27.40 12.40
CA ALA A 409 20.53 -28.59 11.56
C ALA A 409 20.75 -29.90 12.33
N ASP A 410 21.72 -29.90 13.25
CA ASP A 410 22.02 -31.14 13.98
C ASP A 410 21.02 -31.42 15.11
N ALA A 411 20.30 -30.38 15.54
CA ALA A 411 19.12 -30.56 16.40
C ALA A 411 18.02 -31.28 15.62
N ASN A 412 17.83 -30.89 14.35
CA ASN A 412 16.87 -31.56 13.46
C ASN A 412 17.25 -33.02 13.17
N GLU A 413 18.55 -33.32 13.21
CA GLU A 413 19.04 -34.68 13.05
C GLU A 413 18.87 -35.49 14.34
N GLU A 414 19.17 -34.84 15.47
CA GLU A 414 18.96 -35.45 16.79
C GLU A 414 17.52 -35.96 16.94
N ASN A 415 16.56 -35.14 16.53
CA ASN A 415 15.15 -35.51 16.57
C ASN A 415 14.79 -36.47 15.44
N ALA B 13 10.73 23.16 -22.80
CA ALA B 13 10.25 22.97 -21.39
C ALA B 13 8.78 22.56 -21.37
N SER B 14 7.98 23.17 -22.23
CA SER B 14 6.55 22.86 -22.28
C SER B 14 6.27 21.39 -22.56
N ASP B 15 7.17 20.72 -23.27
CA ASP B 15 6.99 19.29 -23.56
C ASP B 15 7.52 18.41 -22.44
N LYS B 16 8.47 18.95 -21.67
CA LYS B 16 9.07 18.22 -20.55
C LYS B 16 8.05 18.04 -19.42
N TYR B 17 7.18 19.03 -19.23
CA TYR B 17 6.21 19.02 -18.12
C TYR B 17 4.77 18.89 -18.62
N GLN B 18 4.02 17.98 -18.02
CA GLN B 18 2.67 17.66 -18.46
C GLN B 18 1.66 17.73 -17.32
N LYS B 19 0.46 18.24 -17.64
CA LYS B 19 -0.68 18.12 -16.74
C LYS B 19 -1.67 17.16 -17.36
N ILE B 20 -2.17 16.20 -16.57
CA ILE B 20 -3.17 15.27 -17.07
C ILE B 20 -4.39 15.24 -16.18
N SER B 21 -5.48 14.66 -16.67
CA SER B 21 -6.69 14.57 -15.89
C SER B 21 -6.61 13.34 -14.98
N GLN B 22 -7.43 13.36 -13.93
CA GLN B 22 -7.62 12.23 -13.04
C GLN B 22 -7.92 10.95 -13.83
N LEU B 23 -8.77 11.08 -14.85
CA LEU B 23 -9.19 9.93 -15.64
C LEU B 23 -8.05 9.39 -16.51
N GLU B 24 -7.28 10.30 -17.14
CA GLU B 24 -6.06 9.91 -17.83
C GLU B 24 -5.04 9.22 -16.90
N HIS B 25 -4.91 9.73 -15.68
CA HIS B 25 -3.92 9.21 -14.74
C HIS B 25 -4.22 7.76 -14.31
N ILE B 26 -5.49 7.49 -14.03
CA ILE B 26 -5.96 6.15 -13.68
C ILE B 26 -5.58 5.11 -14.74
N LEU B 27 -5.80 5.44 -16.01
CA LEU B 27 -5.48 4.51 -17.10
C LEU B 27 -3.98 4.41 -17.35
N LYS B 28 -3.29 5.53 -17.18
CA LYS B 28 -1.83 5.59 -17.33
C LYS B 28 -1.12 4.85 -16.20
N ARG B 29 -1.59 5.09 -14.97
CA ARG B 29 -0.94 4.62 -13.75
C ARG B 29 -1.93 3.88 -12.84
N PRO B 30 -2.36 2.67 -13.24
CA PRO B 30 -3.41 1.94 -12.52
C PRO B 30 -3.02 1.46 -11.13
N ASP B 31 -1.71 1.38 -10.83
CA ASP B 31 -1.22 0.65 -9.67
C ASP B 31 -1.76 1.10 -8.30
N THR B 32 -1.77 2.39 -8.01
CA THR B 32 -2.30 2.85 -6.72
C THR B 32 -3.83 2.82 -6.64
N TYR B 33 -4.49 2.60 -7.77
CA TYR B 33 -5.95 2.53 -7.78
C TYR B 33 -6.47 1.08 -7.65
N ILE B 34 -5.97 0.19 -8.50
CA ILE B 34 -6.52 -1.18 -8.56
C ILE B 34 -5.47 -2.27 -8.41
N GLY B 35 -4.22 -1.86 -8.24
CA GLY B 35 -3.11 -2.79 -8.27
C GLY B 35 -2.53 -2.95 -9.65
N SER B 36 -1.61 -3.89 -9.79
CA SER B 36 -0.88 -4.07 -11.03
C SER B 36 -1.77 -4.56 -12.17
N VAL B 37 -1.52 -4.04 -13.37
CA VAL B 37 -2.16 -4.56 -14.56
C VAL B 37 -1.21 -5.46 -15.36
N GLU B 38 -0.15 -5.94 -14.71
CA GLU B 38 0.73 -6.95 -15.31
C GLU B 38 0.55 -8.30 -14.61
N THR B 39 0.88 -9.39 -15.30
CA THR B 39 0.71 -10.73 -14.74
C THR B 39 1.62 -10.96 -13.55
N GLN B 40 1.09 -11.63 -12.55
CA GLN B 40 1.86 -11.95 -11.35
C GLN B 40 1.75 -13.44 -11.09
N GLU B 41 2.88 -14.08 -10.85
CA GLU B 41 2.90 -15.47 -10.42
C GLU B 41 2.66 -15.49 -8.92
N GLN B 42 1.62 -16.20 -8.49
CA GLN B 42 1.14 -16.16 -7.11
C GLN B 42 0.70 -17.54 -6.65
N LEU B 43 0.94 -17.85 -5.38
CA LEU B 43 0.26 -18.96 -4.73
C LEU B 43 -1.11 -18.43 -4.27
N GLN B 44 -2.18 -19.09 -4.71
CA GLN B 44 -3.54 -18.65 -4.38
C GLN B 44 -4.41 -19.84 -4.06
N TRP B 45 -5.34 -19.65 -3.12
CA TRP B 45 -6.33 -20.64 -2.82
C TRP B 45 -7.45 -20.60 -3.85
N ILE B 46 -7.89 -21.77 -4.30
CA ILE B 46 -9.07 -21.84 -5.16
C ILE B 46 -10.01 -22.94 -4.67
N TYR B 47 -11.29 -22.78 -4.95
CA TYR B 47 -12.25 -23.76 -4.52
C TYR B 47 -12.36 -24.86 -5.57
N ASP B 48 -11.98 -26.07 -5.20
CA ASP B 48 -12.06 -27.22 -6.08
C ASP B 48 -13.43 -27.85 -5.98
N GLU B 49 -14.23 -27.71 -7.04
CA GLU B 49 -15.61 -28.20 -7.06
C GLU B 49 -15.72 -29.72 -6.97
N GLU B 50 -14.76 -30.44 -7.55
CA GLU B 50 -14.78 -31.91 -7.54
C GLU B 50 -14.55 -32.49 -6.14
N THR B 51 -13.69 -31.84 -5.38
CA THR B 51 -13.34 -32.31 -4.03
C THR B 51 -14.15 -31.56 -2.98
N ASP B 52 -14.84 -30.50 -3.41
CA ASP B 52 -15.63 -29.66 -2.52
C ASP B 52 -14.78 -29.05 -1.40
N CYS B 53 -13.60 -28.55 -1.76
CA CYS B 53 -12.65 -28.02 -0.77
C CYS B 53 -11.68 -27.00 -1.37
N MET B 54 -11.00 -26.24 -0.51
CA MET B 54 -10.00 -25.28 -0.94
C MET B 54 -8.68 -25.98 -1.26
N ILE B 55 -8.06 -25.60 -2.37
CA ILE B 55 -6.76 -26.13 -2.75
C ILE B 55 -5.83 -24.97 -3.06
N GLU B 56 -4.57 -25.07 -2.62
CA GLU B 56 -3.57 -24.06 -2.95
C GLU B 56 -2.92 -24.36 -4.29
N LYS B 57 -2.87 -23.35 -5.16
CA LYS B 57 -2.40 -23.53 -6.55
C LYS B 57 -1.48 -22.40 -6.98
N ASN B 58 -0.47 -22.72 -7.77
CA ASN B 58 0.32 -21.70 -8.45
C ASN B 58 -0.46 -21.17 -9.64
N VAL B 59 -0.75 -19.88 -9.61
CA VAL B 59 -1.50 -19.24 -10.69
C VAL B 59 -0.73 -18.07 -11.25
N THR B 60 -1.16 -17.61 -12.42
CA THR B 60 -0.71 -16.35 -12.97
C THR B 60 -1.95 -15.52 -13.22
N ILE B 61 -2.05 -14.39 -12.54
CA ILE B 61 -3.24 -13.56 -12.62
C ILE B 61 -2.86 -12.10 -12.60
N VAL B 62 -3.75 -11.27 -13.13
CA VAL B 62 -3.57 -9.83 -13.12
C VAL B 62 -4.40 -9.24 -11.97
N PRO B 63 -3.72 -8.75 -10.93
CA PRO B 63 -4.40 -8.29 -9.70
C PRO B 63 -5.47 -7.24 -9.95
N GLY B 64 -5.19 -6.27 -10.83
CA GLY B 64 -6.15 -5.23 -11.16
C GLY B 64 -7.48 -5.78 -11.67
N LEU B 65 -7.42 -6.85 -12.48
CA LEU B 65 -8.63 -7.48 -13.01
C LEU B 65 -9.44 -8.13 -11.88
N PHE B 66 -8.75 -8.82 -10.99
CA PHE B 66 -9.36 -9.42 -9.82
C PHE B 66 -9.96 -8.34 -8.92
N LYS B 67 -9.28 -7.20 -8.83
CA LYS B 67 -9.71 -6.12 -7.95
C LYS B 67 -11.00 -5.42 -8.40
N ILE B 68 -11.14 -5.13 -9.69
CA ILE B 68 -12.37 -4.45 -10.13
C ILE B 68 -13.60 -5.31 -9.84
N PHE B 69 -13.42 -6.63 -9.87
CA PHE B 69 -14.50 -7.55 -9.54
C PHE B 69 -14.78 -7.49 -8.05
N ASP B 70 -13.72 -7.56 -7.25
CA ASP B 70 -13.83 -7.41 -5.80
C ASP B 70 -14.51 -6.10 -5.36
N GLU B 71 -14.29 -4.99 -6.08
CA GLU B 71 -14.94 -3.72 -5.75
C GLU B 71 -16.47 -3.82 -5.81
N ILE B 72 -16.97 -4.50 -6.83
CA ILE B 72 -18.40 -4.68 -7.01
C ILE B 72 -18.98 -5.66 -5.98
N LEU B 73 -18.24 -6.71 -5.67
CA LEU B 73 -18.67 -7.69 -4.66
C LEU B 73 -18.81 -7.07 -3.28
N VAL B 74 -17.79 -6.32 -2.85
CA VAL B 74 -17.81 -5.67 -1.54
C VAL B 74 -18.90 -4.60 -1.48
N ASN B 75 -19.18 -3.93 -2.61
CA ASN B 75 -20.27 -2.95 -2.66
C ASN B 75 -21.61 -3.63 -2.36
N ALA B 76 -21.82 -4.81 -2.95
CA ALA B 76 -23.01 -5.60 -2.70
C ALA B 76 -23.11 -6.00 -1.23
N ALA B 77 -22.00 -6.44 -0.64
CA ALA B 77 -21.95 -6.81 0.78
C ALA B 77 -22.19 -5.64 1.72
N ASP B 78 -21.71 -4.45 1.32
CA ASP B 78 -21.99 -3.20 2.03
C ASP B 78 -23.48 -2.90 2.09
N ASN B 79 -24.23 -3.29 1.04
CA ASN B 79 -25.68 -3.06 1.04
C ASN B 79 -26.41 -3.84 2.12
N LYS B 80 -25.78 -4.92 2.62
CA LYS B 80 -26.32 -5.68 3.75
C LYS B 80 -26.12 -4.95 5.06
N VAL B 81 -25.03 -4.18 5.14
CA VAL B 81 -24.81 -3.31 6.29
C VAL B 81 -25.86 -2.19 6.34
N ARG B 82 -26.10 -1.58 5.18
CA ARG B 82 -27.05 -0.47 5.03
C ARG B 82 -28.51 -0.95 5.15
N ASP B 83 -28.80 -2.13 4.60
CA ASP B 83 -30.14 -2.69 4.62
C ASP B 83 -30.08 -4.16 5.09
N PRO B 84 -30.17 -4.37 6.41
CA PRO B 84 -30.10 -5.71 6.99
C PRO B 84 -31.23 -6.64 6.50
N SER B 85 -32.22 -6.11 5.79
CA SER B 85 -33.31 -6.91 5.25
C SER B 85 -32.91 -7.64 3.96
N MET B 86 -31.83 -7.17 3.34
CA MET B 86 -31.24 -7.82 2.18
C MET B 86 -30.90 -9.28 2.49
N LYS B 87 -31.17 -10.16 1.52
CA LYS B 87 -31.07 -11.59 1.77
C LYS B 87 -30.15 -12.35 0.83
N ARG B 88 -29.86 -11.79 -0.34
CA ARG B 88 -29.08 -12.54 -1.33
C ARG B 88 -28.21 -11.73 -2.28
N ILE B 89 -27.04 -12.31 -2.57
CA ILE B 89 -26.18 -11.85 -3.65
C ILE B 89 -26.11 -12.92 -4.73
N ASP B 90 -26.30 -12.51 -5.98
CA ASP B 90 -26.12 -13.39 -7.13
C ASP B 90 -24.91 -12.93 -7.91
N VAL B 91 -23.97 -13.85 -8.12
CA VAL B 91 -22.87 -13.59 -9.04
C VAL B 91 -23.00 -14.52 -10.22
N ASN B 92 -22.93 -13.96 -11.42
CA ASN B 92 -22.88 -14.76 -12.63
C ASN B 92 -21.67 -14.41 -13.47
N ILE B 93 -20.80 -15.38 -13.68
CA ILE B 93 -19.64 -15.17 -14.52
C ILE B 93 -19.81 -15.92 -15.84
N HIS B 94 -19.84 -15.15 -16.92
CA HIS B 94 -20.00 -15.69 -18.25
C HIS B 94 -18.66 -15.59 -18.98
N ALA B 95 -17.89 -16.67 -18.88
CA ALA B 95 -16.50 -16.69 -19.28
C ALA B 95 -16.31 -16.42 -20.77
N GLU B 96 -17.10 -17.13 -21.59
CA GLU B 96 -17.03 -17.02 -23.04
C GLU B 96 -17.25 -15.59 -23.52
N GLU B 97 -18.23 -14.93 -22.90
CA GLU B 97 -18.62 -13.57 -23.29
C GLU B 97 -17.90 -12.50 -22.45
N HIS B 98 -16.86 -12.92 -21.70
CA HIS B 98 -16.19 -12.09 -20.69
C HIS B 98 -17.11 -11.07 -20.01
N THR B 99 -18.27 -11.56 -19.58
CA THR B 99 -19.26 -10.74 -18.89
C THR B 99 -19.42 -11.22 -17.45
N ILE B 100 -19.48 -10.26 -16.53
CA ILE B 100 -19.67 -10.55 -15.12
C ILE B 100 -20.85 -9.77 -14.60
N GLU B 101 -21.75 -10.49 -13.95
CA GLU B 101 -22.96 -9.91 -13.39
C GLU B 101 -22.97 -10.06 -11.86
N VAL B 102 -23.28 -8.98 -11.15
CA VAL B 102 -23.39 -9.00 -9.69
C VAL B 102 -24.68 -8.32 -9.28
N LYS B 103 -25.58 -9.08 -8.67
CA LYS B 103 -26.90 -8.61 -8.31
C LYS B 103 -27.08 -8.78 -6.82
N ASN B 104 -27.66 -7.78 -6.17
CA ASN B 104 -28.06 -7.91 -4.78
C ASN B 104 -29.50 -7.46 -4.62
N ASP B 105 -30.17 -7.97 -3.60
CA ASP B 105 -31.49 -7.47 -3.27
C ASP B 105 -31.42 -6.49 -2.10
N GLY B 106 -32.56 -6.22 -1.46
CA GLY B 106 -32.65 -5.13 -0.51
C GLY B 106 -32.72 -3.81 -1.25
N LYS B 107 -32.60 -2.70 -0.53
CA LYS B 107 -32.82 -1.37 -1.11
C LYS B 107 -31.93 -1.13 -2.33
N GLY B 108 -32.53 -0.60 -3.41
CA GLY B 108 -31.78 -0.24 -4.61
C GLY B 108 -31.13 1.13 -4.51
N ILE B 109 -30.73 1.68 -5.65
CA ILE B 109 -30.27 3.07 -5.73
C ILE B 109 -31.47 3.99 -6.01
N PRO B 110 -31.62 5.05 -5.21
CA PRO B 110 -32.67 6.04 -5.42
C PRO B 110 -32.67 6.63 -6.84
N ILE B 111 -33.76 6.43 -7.56
CA ILE B 111 -33.94 6.99 -8.90
C ILE B 111 -34.46 8.43 -8.78
N GLU B 112 -33.58 9.32 -8.34
CA GLU B 112 -33.89 10.74 -8.15
C GLU B 112 -32.79 11.57 -8.81
N ILE B 113 -33.14 12.78 -9.24
CA ILE B 113 -32.14 13.77 -9.62
C ILE B 113 -31.52 14.37 -8.35
N HIS B 114 -30.18 14.35 -8.29
CA HIS B 114 -29.45 14.95 -7.18
C HIS B 114 -29.70 16.47 -7.11
N ASN B 115 -29.92 16.97 -5.89
CA ASN B 115 -30.16 18.40 -5.63
C ASN B 115 -29.10 19.32 -6.24
N LYS B 116 -27.84 18.93 -6.06
CA LYS B 116 -26.70 19.77 -6.38
C LYS B 116 -26.13 19.47 -7.77
N GLU B 117 -25.96 18.19 -8.10
CA GLU B 117 -25.26 17.80 -9.33
C GLU B 117 -26.14 17.80 -10.58
N ASN B 118 -27.46 17.84 -10.37
CA ASN B 118 -28.44 17.94 -11.45
C ASN B 118 -28.43 16.80 -12.46
N ILE B 119 -28.08 15.61 -11.98
CA ILE B 119 -28.15 14.39 -12.77
C ILE B 119 -28.74 13.30 -11.88
N TYR B 120 -29.19 12.21 -12.48
CA TYR B 120 -29.72 11.09 -11.71
C TYR B 120 -28.63 10.53 -10.80
N ILE B 121 -29.03 10.14 -9.59
CA ILE B 121 -28.07 9.68 -8.60
C ILE B 121 -27.23 8.49 -9.08
N PRO B 122 -27.83 7.45 -9.68
CA PRO B 122 -27.04 6.31 -10.16
C PRO B 122 -25.99 6.72 -11.21
N GLU B 123 -26.32 7.67 -12.08
CA GLU B 123 -25.33 8.25 -13.00
C GLU B 123 -24.17 8.88 -12.20
N MET B 124 -24.50 9.52 -11.08
CA MET B 124 -23.52 10.25 -10.31
C MET B 124 -22.53 9.32 -9.60
N ILE B 125 -23.05 8.29 -8.94
CA ILE B 125 -22.20 7.47 -8.09
C ILE B 125 -21.54 6.29 -8.81
N PHE B 126 -21.95 6.04 -10.06
CA PHE B 126 -21.31 5.01 -10.87
C PHE B 126 -20.51 5.58 -12.05
N GLY B 127 -20.73 6.86 -12.37
CA GLY B 127 -20.13 7.47 -13.56
C GLY B 127 -19.27 8.70 -13.33
N HIS B 128 -19.12 9.10 -12.06
CA HIS B 128 -18.23 10.20 -11.67
C HIS B 128 -17.32 9.83 -10.48
N LEU B 129 -16.03 10.09 -10.62
CA LEU B 129 -15.06 9.89 -9.53
C LEU B 129 -15.43 10.69 -8.28
N LEU B 130 -15.11 10.15 -7.12
CA LEU B 130 -15.23 10.87 -5.84
C LEU B 130 -16.67 11.12 -5.42
N THR B 131 -17.47 10.07 -5.52
CA THR B 131 -18.88 10.10 -5.16
C THR B 131 -19.13 8.91 -4.28
N SER B 132 -19.80 9.13 -3.16
CA SER B 132 -19.93 8.11 -2.13
C SER B 132 -21.00 8.48 -1.11
N SER B 133 -21.54 7.45 -0.43
CA SER B 133 -22.37 7.66 0.76
C SER B 133 -21.56 7.49 2.05
N ASN B 134 -20.24 7.32 1.91
CA ASN B 134 -19.35 7.00 3.03
C ASN B 134 -18.42 8.15 3.45
N TYR B 135 -18.75 9.37 3.05
CA TYR B 135 -17.90 10.54 3.32
C TYR B 135 -18.12 11.21 4.69
N ASP B 136 -19.12 10.75 5.44
CA ASP B 136 -19.44 11.38 6.74
C ASP B 136 -19.06 10.46 7.90
N ASP B 137 -17.87 10.68 8.45
CA ASP B 137 -17.32 9.78 9.46
C ASP B 137 -17.74 10.14 10.89
N ASP B 138 -18.68 11.08 11.02
CA ASP B 138 -19.37 11.30 12.29
C ASP B 138 -20.13 10.04 12.67
N GLU B 139 -20.73 9.38 11.67
CA GLU B 139 -21.32 8.04 11.86
C GLU B 139 -20.21 7.00 11.88
N LYS B 140 -20.19 6.16 12.91
CA LYS B 140 -19.24 5.06 13.00
C LYS B 140 -19.78 3.85 12.22
N LYS B 141 -19.18 3.57 11.07
CA LYS B 141 -19.74 2.62 10.10
C LYS B 141 -18.87 1.37 9.96
N VAL B 142 -19.52 0.23 9.74
CA VAL B 142 -18.76 -1.00 9.48
C VAL B 142 -18.86 -1.51 8.03
N THR B 143 -19.15 -0.59 7.10
CA THR B 143 -19.00 -0.86 5.67
C THR B 143 -17.53 -0.96 5.25
N GLY B 144 -17.30 -1.64 4.13
CA GLY B 144 -16.00 -1.69 3.51
C GLY B 144 -15.71 -0.49 2.62
N GLY B 145 -16.77 0.15 2.11
CA GLY B 145 -16.61 1.31 1.26
C GLY B 145 -16.17 2.55 2.03
N ARG B 146 -15.21 3.28 1.49
CA ARG B 146 -14.62 4.39 2.21
C ARG B 146 -14.41 5.62 1.33
N ASN B 147 -13.93 5.43 0.09
CA ASN B 147 -13.39 6.58 -0.65
C ASN B 147 -14.06 7.10 -1.93
N GLY B 148 -15.07 6.38 -2.41
CA GLY B 148 -15.87 6.84 -3.54
C GLY B 148 -15.21 6.64 -4.89
N TYR B 149 -14.40 5.59 -5.00
CA TYR B 149 -13.73 5.23 -6.26
C TYR B 149 -14.15 3.87 -6.84
N GLY B 150 -14.42 2.89 -5.97
CA GLY B 150 -14.46 1.48 -6.35
C GLY B 150 -15.28 1.13 -7.58
N ALA B 151 -16.53 1.59 -7.59
CA ALA B 151 -17.45 1.33 -8.69
C ALA B 151 -17.03 2.04 -9.99
N LYS B 152 -16.48 3.24 -9.85
CA LYS B 152 -15.97 3.99 -11.00
C LYS B 152 -14.72 3.33 -11.54
N LEU B 153 -13.88 2.81 -10.66
CA LEU B 153 -12.70 2.08 -11.13
C LEU B 153 -13.08 0.87 -11.99
N CYS B 154 -14.11 0.14 -11.59
CA CYS B 154 -14.61 -0.96 -12.40
C CYS B 154 -15.09 -0.45 -13.79
N ASN B 155 -15.90 0.59 -13.76
CA ASN B 155 -16.43 1.21 -14.99
C ASN B 155 -15.31 1.63 -15.94
N ILE B 156 -14.30 2.32 -15.39
CA ILE B 156 -13.17 2.79 -16.16
C ILE B 156 -12.40 1.66 -16.85
N PHE B 157 -12.28 0.51 -16.17
CA PHE B 157 -11.57 -0.62 -16.73
C PHE B 157 -12.49 -1.63 -17.44
N SER B 158 -13.59 -1.12 -17.96
CA SER B 158 -14.56 -1.92 -18.71
C SER B 158 -14.75 -1.37 -20.12
N THR B 159 -14.93 -2.27 -21.09
CA THR B 159 -15.36 -1.89 -22.43
C THR B 159 -16.84 -1.49 -22.40
N GLU B 160 -17.58 -2.07 -21.46
CA GLU B 160 -19.01 -1.86 -21.32
C GLU B 160 -19.41 -2.08 -19.87
N PHE B 161 -20.27 -1.21 -19.35
CA PHE B 161 -20.65 -1.23 -17.94
C PHE B 161 -22.12 -0.86 -17.83
N ILE B 162 -22.91 -1.74 -17.23
CA ILE B 162 -24.35 -1.54 -17.13
C ILE B 162 -24.84 -1.57 -15.68
N LEU B 163 -25.54 -0.51 -15.29
CA LEU B 163 -26.18 -0.48 -13.99
C LEU B 163 -27.67 -0.66 -14.20
N GLU B 164 -28.25 -1.62 -13.48
CA GLU B 164 -29.69 -1.78 -13.43
C GLU B 164 -30.12 -1.71 -11.98
N THR B 165 -31.15 -0.94 -11.70
CA THR B 165 -31.69 -0.84 -10.35
C THR B 165 -33.18 -0.52 -10.41
N ALA B 166 -33.91 -1.02 -9.42
CA ALA B 166 -35.32 -0.73 -9.29
C ALA B 166 -35.63 -0.25 -7.88
N ASP B 167 -36.35 0.86 -7.79
CA ASP B 167 -36.79 1.39 -6.49
C ASP B 167 -38.30 1.45 -6.39
N LEU B 168 -38.81 1.01 -5.24
CA LEU B 168 -40.24 0.91 -5.01
C LEU B 168 -40.83 2.23 -4.54
N ASN B 169 -39.97 3.11 -4.00
CA ASN B 169 -40.40 4.43 -3.56
C ASN B 169 -40.97 5.26 -4.70
N VAL B 170 -40.34 5.16 -5.88
CA VAL B 170 -40.83 5.84 -7.09
C VAL B 170 -41.59 4.90 -8.04
N GLY B 171 -41.37 3.59 -7.89
CA GLY B 171 -42.02 2.61 -8.75
C GLY B 171 -41.49 2.66 -10.17
N GLN B 172 -40.16 2.64 -10.28
CA GLN B 172 -39.48 2.73 -11.58
C GLN B 172 -38.31 1.75 -11.65
N LYS B 173 -37.88 1.45 -12.86
CA LYS B 173 -36.64 0.72 -13.12
C LYS B 173 -35.71 1.59 -13.93
N TYR B 174 -34.41 1.51 -13.61
CA TYR B 174 -33.40 2.38 -14.18
C TYR B 174 -32.30 1.52 -14.76
N VAL B 175 -32.05 1.67 -16.06
CA VAL B 175 -30.96 0.95 -16.73
C VAL B 175 -30.08 1.96 -17.48
N GLN B 176 -28.78 1.91 -17.20
CA GLN B 176 -27.85 2.83 -17.83
C GLN B 176 -26.56 2.14 -18.24
N LYS B 177 -26.14 2.38 -19.47
CA LYS B 177 -24.96 1.75 -20.03
C LYS B 177 -23.85 2.77 -20.30
N TRP B 178 -22.66 2.46 -19.80
CA TRP B 178 -21.45 3.20 -20.17
C TRP B 178 -20.63 2.33 -21.10
N GLU B 179 -19.78 2.95 -21.91
CA GLU B 179 -18.89 2.19 -22.78
C GLU B 179 -17.51 2.78 -22.78
N ASN B 180 -16.54 2.01 -23.32
CA ASN B 180 -15.21 2.54 -23.65
C ASN B 180 -14.56 3.23 -22.46
N ASN B 181 -14.25 2.45 -21.43
CA ASN B 181 -13.57 2.95 -20.23
C ASN B 181 -14.29 4.16 -19.61
N MET B 182 -15.61 4.04 -19.50
CA MET B 182 -16.46 5.09 -18.91
C MET B 182 -16.55 6.40 -19.74
N SER B 183 -15.98 6.42 -20.94
CA SER B 183 -15.95 7.67 -21.74
C SER B 183 -17.28 7.96 -22.44
N ILE B 184 -18.03 6.90 -22.75
CA ILE B 184 -19.37 7.05 -23.32
C ILE B 184 -20.40 6.76 -22.24
N CYS B 185 -21.24 7.74 -21.95
CA CYS B 185 -22.33 7.56 -21.00
C CYS B 185 -23.66 7.76 -21.74
N HIS B 186 -24.37 6.66 -21.96
CA HIS B 186 -25.70 6.71 -22.60
C HIS B 186 -26.75 7.19 -21.61
N PRO B 187 -27.71 7.99 -22.08
CA PRO B 187 -28.87 8.38 -21.27
C PRO B 187 -29.57 7.15 -20.67
N PRO B 188 -30.04 7.27 -19.44
CA PRO B 188 -30.71 6.15 -18.77
C PRO B 188 -32.05 5.80 -19.40
N LYS B 189 -32.43 4.53 -19.35
CA LYS B 189 -33.78 4.09 -19.69
C LYS B 189 -34.56 3.88 -18.41
N ILE B 190 -35.56 4.72 -18.17
CA ILE B 190 -36.38 4.62 -16.97
C ILE B 190 -37.80 4.19 -17.35
N THR B 191 -38.23 3.07 -16.78
CA THR B 191 -39.54 2.49 -17.08
C THR B 191 -40.33 2.28 -15.80
N SER B 192 -41.65 2.12 -15.94
CA SER B 192 -42.52 1.85 -14.80
C SER B 192 -42.25 0.46 -14.24
N TYR B 193 -42.26 0.36 -12.91
CA TYR B 193 -41.95 -0.89 -12.21
C TYR B 193 -42.87 -1.07 -11.01
N LYS B 194 -43.96 -1.79 -11.22
CA LYS B 194 -44.86 -2.19 -10.14
C LYS B 194 -44.59 -3.64 -9.81
N LYS B 195 -43.58 -4.20 -10.48
CA LYS B 195 -43.25 -5.63 -10.40
C LYS B 195 -42.82 -6.07 -9.00
N GLY B 196 -41.77 -6.88 -8.93
CA GLY B 196 -41.38 -7.48 -7.69
C GLY B 196 -40.52 -6.60 -6.81
N PRO B 197 -39.46 -7.19 -6.28
CA PRO B 197 -38.67 -6.60 -5.20
C PRO B 197 -37.69 -5.54 -5.71
N SER B 198 -37.14 -4.78 -4.78
CA SER B 198 -36.03 -3.87 -5.08
C SER B 198 -34.75 -4.70 -5.31
N TYR B 199 -33.84 -4.14 -6.12
CA TYR B 199 -32.56 -4.79 -6.40
C TYR B 199 -31.62 -3.85 -7.11
N THR B 200 -30.33 -4.20 -7.09
CA THR B 200 -29.33 -3.56 -7.95
C THR B 200 -28.53 -4.63 -8.66
N LYS B 201 -28.30 -4.41 -9.96
CA LYS B 201 -27.54 -5.35 -10.78
C LYS B 201 -26.45 -4.61 -11.55
N VAL B 202 -25.21 -5.06 -11.37
CA VAL B 202 -24.09 -4.51 -12.12
C VAL B 202 -23.54 -5.55 -13.07
N THR B 203 -23.56 -5.21 -14.36
CA THR B 203 -23.01 -6.06 -15.41
C THR B 203 -21.88 -5.32 -16.10
N PHE B 204 -20.70 -5.92 -16.13
CA PHE B 204 -19.57 -5.33 -16.83
C PHE B 204 -18.78 -6.33 -17.68
N LYS B 205 -18.09 -5.77 -18.67
CA LYS B 205 -17.17 -6.53 -19.50
C LYS B 205 -15.83 -5.83 -19.35
N PRO B 206 -14.92 -6.46 -18.60
CA PRO B 206 -13.60 -5.89 -18.37
C PRO B 206 -12.83 -5.66 -19.68
N ASP B 207 -12.10 -4.56 -19.72
CA ASP B 207 -11.21 -4.25 -20.82
C ASP B 207 -9.98 -5.15 -20.72
N LEU B 208 -10.12 -6.40 -21.17
CA LEU B 208 -9.10 -7.44 -20.97
C LEU B 208 -7.74 -7.13 -21.58
N THR B 209 -7.72 -6.46 -22.74
CA THR B 209 -6.46 -6.14 -23.40
C THR B 209 -5.67 -5.09 -22.63
N ARG B 210 -6.39 -4.24 -21.89
CA ARG B 210 -5.78 -3.31 -20.96
C ARG B 210 -5.05 -4.06 -19.84
N PHE B 211 -5.48 -5.29 -19.59
CA PHE B 211 -4.83 -6.17 -18.63
C PHE B 211 -3.90 -7.17 -19.32
N GLY B 212 -3.72 -6.99 -20.63
CA GLY B 212 -2.86 -7.85 -21.42
C GLY B 212 -3.39 -9.26 -21.60
N MET B 213 -4.71 -9.40 -21.63
CA MET B 213 -5.36 -10.70 -21.71
C MET B 213 -6.28 -10.80 -22.92
N LYS B 214 -6.41 -12.02 -23.45
CA LYS B 214 -7.32 -12.31 -24.58
C LYS B 214 -8.71 -12.69 -24.09
N GLU B 215 -8.76 -13.39 -22.94
CA GLU B 215 -9.98 -14.03 -22.43
C GLU B 215 -9.82 -14.32 -20.93
N LEU B 216 -10.94 -14.57 -20.24
CA LEU B 216 -10.91 -14.96 -18.82
C LEU B 216 -10.47 -16.42 -18.64
N ASP B 217 -9.19 -16.62 -18.34
CA ASP B 217 -8.66 -17.98 -18.26
C ASP B 217 -9.03 -18.67 -16.94
N ASN B 218 -8.66 -19.94 -16.82
CA ASN B 218 -8.98 -20.73 -15.63
C ASN B 218 -8.41 -20.18 -14.31
N ASP B 219 -7.21 -19.59 -14.36
CA ASP B 219 -6.58 -19.03 -13.16
C ASP B 219 -7.41 -17.89 -12.56
N ILE B 220 -7.76 -16.90 -13.38
CA ILE B 220 -8.54 -15.77 -12.87
C ILE B 220 -9.96 -16.19 -12.49
N LEU B 221 -10.55 -17.11 -13.26
CA LEU B 221 -11.89 -17.61 -12.94
C LEU B 221 -11.88 -18.32 -11.59
N GLY B 222 -10.83 -19.08 -11.32
CA GLY B 222 -10.69 -19.78 -10.04
C GLY B 222 -10.61 -18.87 -8.82
N VAL B 223 -9.82 -17.81 -8.88
CA VAL B 223 -9.77 -16.86 -7.76
C VAL B 223 -11.05 -15.99 -7.68
N MET B 224 -11.62 -15.62 -8.82
CA MET B 224 -12.90 -14.89 -8.80
C MET B 224 -13.96 -15.71 -8.06
N ARG B 225 -14.09 -16.98 -8.43
CA ARG B 225 -15.05 -17.90 -7.78
C ARG B 225 -14.77 -18.07 -6.28
N ARG B 226 -13.50 -18.23 -5.93
CA ARG B 226 -13.15 -18.37 -4.52
C ARG B 226 -13.58 -17.13 -3.71
N ARG B 227 -13.44 -15.97 -4.33
CA ARG B 227 -13.78 -14.72 -3.67
C ARG B 227 -15.26 -14.65 -3.31
N VAL B 228 -16.11 -15.27 -4.12
CA VAL B 228 -17.53 -15.35 -3.84
C VAL B 228 -17.80 -16.26 -2.62
N TYR B 229 -17.03 -17.35 -2.50
CA TYR B 229 -17.07 -18.18 -1.29
C TYR B 229 -16.63 -17.41 -0.06
N ASP B 230 -15.58 -16.59 -0.21
CA ASP B 230 -15.14 -15.62 0.81
C ASP B 230 -16.31 -14.77 1.31
N ILE B 231 -17.07 -14.19 0.38
CA ILE B 231 -18.17 -13.30 0.76
C ILE B 231 -19.20 -14.06 1.61
N ASN B 232 -19.58 -15.25 1.16
CA ASN B 232 -20.52 -16.10 1.92
C ASN B 232 -19.96 -16.41 3.29
N GLY B 233 -18.65 -16.68 3.36
CA GLY B 233 -17.97 -16.93 4.62
C GLY B 233 -17.94 -15.76 5.60
N SER B 234 -17.67 -14.56 5.10
CA SER B 234 -17.44 -13.41 5.99
C SER B 234 -18.72 -12.63 6.34
N VAL B 235 -19.73 -12.67 5.47
CA VAL B 235 -20.99 -11.93 5.68
C VAL B 235 -22.11 -12.85 6.19
N ARG B 236 -22.63 -12.56 7.37
CA ARG B 236 -23.74 -13.35 7.93
C ARG B 236 -25.08 -12.98 7.32
N ASP B 237 -26.04 -13.92 7.44
CA ASP B 237 -27.45 -13.71 7.12
C ASP B 237 -27.73 -13.42 5.65
N ILE B 238 -26.85 -13.90 4.77
CA ILE B 238 -27.12 -13.79 3.34
C ILE B 238 -26.97 -15.14 2.62
N ASN B 239 -27.77 -15.34 1.58
CA ASN B 239 -27.57 -16.44 0.65
C ASN B 239 -26.73 -15.97 -0.52
N VAL B 240 -25.74 -16.76 -0.88
CA VAL B 240 -24.87 -16.41 -1.99
C VAL B 240 -24.98 -17.42 -3.11
N TYR B 241 -25.30 -16.92 -4.31
CA TYR B 241 -25.45 -17.77 -5.49
C TYR B 241 -24.36 -17.46 -6.50
N LEU B 242 -23.72 -18.51 -7.00
CA LEU B 242 -22.69 -18.37 -8.02
C LEU B 242 -23.11 -19.17 -9.24
N ASN B 243 -23.28 -18.50 -10.37
CA ASN B 243 -23.80 -19.11 -11.60
C ASN B 243 -25.01 -20.03 -11.34
N GLY B 244 -25.92 -19.56 -10.50
CA GLY B 244 -27.16 -20.28 -10.21
C GLY B 244 -27.12 -21.22 -9.01
N LYS B 245 -25.92 -21.50 -8.50
CA LYS B 245 -25.78 -22.47 -7.41
C LYS B 245 -25.67 -21.80 -6.06
N SER B 246 -26.51 -22.23 -5.11
CA SER B 246 -26.42 -21.78 -3.73
C SER B 246 -25.14 -22.34 -3.07
N LEU B 247 -24.33 -21.45 -2.53
CA LEU B 247 -23.07 -21.86 -1.92
C LEU B 247 -23.27 -22.48 -0.52
N LYS B 248 -24.26 -21.95 0.20
CA LYS B 248 -24.70 -22.46 1.50
C LYS B 248 -23.60 -22.59 2.57
N ILE B 249 -22.70 -21.61 2.64
CA ILE B 249 -21.76 -21.58 3.76
C ILE B 249 -22.50 -21.03 4.98
N ARG B 250 -22.54 -21.81 6.05
CA ARG B 250 -23.42 -21.50 7.19
C ARG B 250 -22.90 -20.33 8.04
N ASN B 251 -21.58 -20.24 8.16
CA ASN B 251 -20.93 -19.29 9.06
C ASN B 251 -19.42 -19.30 8.78
N PHE B 252 -18.67 -18.49 9.52
CA PHE B 252 -17.23 -18.39 9.28
C PHE B 252 -16.49 -19.69 9.61
N LYS B 253 -17.00 -20.44 10.58
CA LYS B 253 -16.38 -21.74 10.90
C LYS B 253 -16.49 -22.71 9.71
N ASN B 254 -17.66 -22.78 9.08
CA ASN B 254 -17.83 -23.60 7.86
C ASN B 254 -16.88 -23.17 6.76
N TYR B 255 -16.68 -21.85 6.61
CA TYR B 255 -15.76 -21.33 5.59
C TYR B 255 -14.33 -21.81 5.83
N VAL B 256 -13.87 -21.65 7.07
CA VAL B 256 -12.53 -22.07 7.44
C VAL B 256 -12.38 -23.57 7.22
N GLU B 257 -13.43 -24.32 7.54
CA GLU B 257 -13.39 -25.77 7.40
C GLU B 257 -13.23 -26.25 5.94
N LEU B 258 -13.46 -25.34 4.98
CA LEU B 258 -13.19 -25.65 3.57
C LEU B 258 -11.70 -25.83 3.33
N TYR B 259 -10.88 -25.34 4.25
CA TYR B 259 -9.43 -25.45 4.14
C TYR B 259 -8.90 -26.73 4.78
N LEU B 260 -9.79 -27.47 5.43
CA LEU B 260 -9.41 -28.63 6.26
C LEU B 260 -8.65 -29.70 5.50
N LYS B 261 -9.17 -30.11 4.36
CA LYS B 261 -8.59 -31.21 3.60
C LYS B 261 -7.14 -30.93 3.21
N SER B 262 -6.90 -29.75 2.65
CA SER B 262 -5.56 -29.39 2.20
C SER B 262 -4.58 -29.24 3.36
N LEU B 263 -5.06 -28.75 4.50
CA LEU B 263 -4.24 -28.62 5.71
C LEU B 263 -3.98 -29.98 6.38
N GLU B 264 -4.99 -30.85 6.37
CA GLU B 264 -4.84 -32.19 6.95
C GLU B 264 -3.98 -33.10 6.07
N LYS B 265 -3.83 -32.73 4.79
CA LYS B 265 -3.02 -33.49 3.84
C LYS B 265 -1.53 -33.39 4.16
N ILE B 281 -6.69 -33.95 18.79
CA ILE B 281 -6.29 -32.57 18.50
C ILE B 281 -6.81 -32.17 17.11
N PRO B 282 -7.76 -31.25 17.05
CA PRO B 282 -8.36 -30.85 15.76
C PRO B 282 -7.37 -30.09 14.88
N THR B 283 -7.58 -30.17 13.57
CA THR B 283 -6.72 -29.48 12.62
C THR B 283 -6.97 -27.97 12.65
N ILE B 284 -8.23 -27.57 12.75
CA ILE B 284 -8.61 -26.18 12.92
C ILE B 284 -9.27 -25.91 14.28
N LEU B 285 -8.77 -24.89 14.97
CA LEU B 285 -9.36 -24.41 16.20
C LEU B 285 -10.07 -23.09 15.93
N TYR B 286 -11.39 -23.08 16.09
CA TYR B 286 -12.18 -21.88 15.83
C TYR B 286 -12.76 -21.35 17.13
N GLU B 287 -12.84 -20.03 17.25
CA GLU B 287 -13.59 -19.43 18.34
C GLU B 287 -14.15 -18.07 17.95
N ARG B 288 -15.44 -17.85 18.22
CA ARG B 288 -15.98 -16.51 18.22
C ARG B 288 -15.62 -15.86 19.55
N ILE B 289 -14.85 -14.78 19.47
CA ILE B 289 -14.48 -13.99 20.65
C ILE B 289 -15.62 -13.10 21.11
N ASN B 290 -16.21 -12.36 20.19
CA ASN B 290 -17.34 -11.47 20.47
C ASN B 290 -18.11 -11.23 19.17
N ASN B 291 -19.04 -10.27 19.18
CA ASN B 291 -19.87 -10.00 18.00
C ASN B 291 -19.11 -9.42 16.79
N ARG B 292 -17.87 -8.98 17.00
CA ARG B 292 -17.13 -8.34 15.92
C ARG B 292 -15.83 -9.07 15.55
N TRP B 293 -15.56 -10.19 16.23
CA TRP B 293 -14.29 -10.88 16.07
C TRP B 293 -14.46 -12.40 16.12
N GLU B 294 -13.97 -13.07 15.08
CA GLU B 294 -13.89 -14.52 15.01
C GLU B 294 -12.48 -14.88 14.59
N VAL B 295 -11.91 -15.90 15.21
CA VAL B 295 -10.56 -16.33 14.92
C VAL B 295 -10.51 -17.85 14.74
N ALA B 296 -9.63 -18.31 13.85
CA ALA B 296 -9.32 -19.73 13.75
C ALA B 296 -7.82 -19.93 13.62
N PHE B 297 -7.35 -21.07 14.12
CA PHE B 297 -5.92 -21.38 14.10
C PHE B 297 -5.66 -22.77 13.52
N ALA B 298 -4.61 -22.87 12.71
CA ALA B 298 -4.08 -24.15 12.24
C ALA B 298 -2.57 -24.06 12.24
N VAL B 299 -1.90 -25.22 12.30
CA VAL B 299 -0.45 -25.26 12.23
C VAL B 299 0.04 -25.07 10.79
N SER B 300 1.04 -24.21 10.62
CA SER B 300 1.61 -23.96 9.30
C SER B 300 2.87 -24.79 9.10
N ASP B 301 3.04 -25.31 7.88
CA ASP B 301 4.15 -26.22 7.57
C ASP B 301 5.40 -25.52 7.05
N ILE B 302 5.24 -24.39 6.37
CA ILE B 302 6.37 -23.67 5.77
C ILE B 302 6.70 -22.36 6.50
N SER B 303 5.74 -21.45 6.57
CA SER B 303 5.94 -20.16 7.21
C SER B 303 4.61 -19.56 7.68
N PHE B 304 4.67 -18.37 8.28
CA PHE B 304 3.46 -17.73 8.76
C PHE B 304 2.48 -17.56 7.60
N GLN B 305 1.22 -17.90 7.84
CA GLN B 305 0.16 -17.64 6.85
C GLN B 305 -1.04 -17.03 7.53
N GLN B 306 -1.72 -16.15 6.82
CA GLN B 306 -2.92 -15.52 7.34
C GLN B 306 -3.95 -15.34 6.24
N ILE B 307 -5.21 -15.58 6.61
CA ILE B 307 -6.35 -15.23 5.79
C ILE B 307 -7.26 -14.40 6.68
N SER B 308 -7.52 -13.16 6.26
CA SER B 308 -8.22 -12.22 7.12
C SER B 308 -9.19 -11.36 6.34
N PHE B 309 -10.26 -10.94 7.01
CA PHE B 309 -11.26 -10.08 6.42
C PHE B 309 -11.62 -8.94 7.38
N VAL B 310 -11.72 -7.74 6.84
CA VAL B 310 -12.18 -6.57 7.59
C VAL B 310 -13.42 -6.03 6.88
N ASN B 311 -14.57 -6.08 7.53
CA ASN B 311 -15.81 -5.64 6.90
C ASN B 311 -15.98 -6.29 5.50
N SER B 312 -15.64 -7.58 5.41
CA SER B 312 -15.76 -8.39 4.18
C SER B 312 -14.65 -8.18 3.11
N ILE B 313 -13.83 -7.15 3.29
CA ILE B 313 -12.63 -6.95 2.47
C ILE B 313 -11.57 -7.99 2.81
N ALA B 314 -11.01 -8.62 1.79
CA ALA B 314 -9.87 -9.54 1.98
C ALA B 314 -8.56 -8.77 2.19
N THR B 315 -8.07 -8.77 3.42
CA THR B 315 -6.84 -8.04 3.73
C THR B 315 -5.61 -8.94 3.52
N THR B 316 -5.27 -9.14 2.25
CA THR B 316 -4.25 -10.11 1.85
C THR B 316 -2.86 -9.69 2.30
N MET B 317 -2.67 -8.40 2.58
CA MET B 317 -1.40 -7.92 3.15
C MET B 317 -1.48 -7.68 4.66
N GLY B 318 -2.57 -8.15 5.28
CA GLY B 318 -2.70 -8.12 6.72
C GLY B 318 -2.83 -6.70 7.25
N GLY B 319 -1.99 -6.37 8.22
CA GLY B 319 -2.05 -5.06 8.86
C GLY B 319 -2.34 -5.14 10.34
N THR B 320 -2.94 -4.08 10.91
CA THR B 320 -3.00 -3.92 12.38
C THR B 320 -3.86 -4.93 13.11
N HIS B 321 -4.91 -5.41 12.46
CA HIS B 321 -5.80 -6.41 13.06
C HIS B 321 -5.10 -7.78 13.17
N VAL B 322 -4.38 -8.17 12.12
CA VAL B 322 -3.63 -9.44 12.13
C VAL B 322 -2.54 -9.37 13.19
N ASN B 323 -1.80 -8.27 13.20
CA ASN B 323 -0.74 -8.07 14.19
C ASN B 323 -1.27 -8.09 15.61
N TYR B 324 -2.41 -7.44 15.82
CA TYR B 324 -3.07 -7.37 17.12
C TYR B 324 -3.37 -8.78 17.67
N ILE B 325 -3.89 -9.65 16.81
CA ILE B 325 -4.23 -11.02 17.20
C ILE B 325 -2.98 -11.88 17.35
N THR B 326 -2.09 -11.86 16.35
CA THR B 326 -0.92 -12.74 16.40
C THR B 326 0.05 -12.39 17.53
N ASP B 327 0.22 -11.09 17.79
CA ASP B 327 1.10 -10.62 18.88
C ASP B 327 0.65 -11.18 20.22
N GLN B 328 -0.66 -11.19 20.46
CA GLN B 328 -1.23 -11.73 21.70
C GLN B 328 -0.85 -13.19 21.87
N ILE B 329 -1.00 -13.95 20.77
CA ILE B 329 -0.74 -15.38 20.81
C ILE B 329 0.74 -15.66 20.98
N VAL B 330 1.57 -15.01 20.17
CA VAL B 330 3.02 -15.20 20.23
C VAL B 330 3.59 -14.79 21.60
N LYS B 331 3.08 -13.68 22.14
CA LYS B 331 3.56 -13.19 23.44
C LYS B 331 3.32 -14.23 24.56
N LYS B 332 2.13 -14.81 24.59
CA LYS B 332 1.80 -15.82 25.62
C LYS B 332 2.63 -17.10 25.44
N ILE B 333 2.71 -17.61 24.21
CA ILE B 333 3.51 -18.80 23.98
C ILE B 333 4.99 -18.58 24.33
N SER B 334 5.48 -17.38 24.04
CA SER B 334 6.83 -16.99 24.42
C SER B 334 7.08 -17.11 25.95
N GLU B 335 6.15 -16.57 26.75
CA GLU B 335 6.23 -16.70 28.22
C GLU B 335 6.23 -18.16 28.65
N ILE B 336 5.36 -18.96 28.04
CA ILE B 336 5.25 -20.39 28.36
C ILE B 336 6.57 -21.12 28.12
N LEU B 337 7.22 -20.82 26.99
CA LEU B 337 8.51 -21.44 26.69
C LEU B 337 9.65 -20.91 27.57
N LYS B 338 9.53 -19.65 28.00
CA LYS B 338 10.53 -19.03 28.87
C LYS B 338 10.56 -19.64 30.28
N LYS B 339 9.40 -20.07 30.77
CA LYS B 339 9.26 -20.59 32.14
C LYS B 339 10.33 -21.61 32.52
N VAL B 345 13.59 -19.48 22.92
CA VAL B 345 13.17 -19.44 21.51
C VAL B 345 12.68 -18.06 21.06
N LYS B 346 13.11 -17.65 19.87
CA LYS B 346 12.73 -16.34 19.30
C LYS B 346 11.28 -16.30 18.81
N SER B 347 10.68 -15.11 18.90
CA SER B 347 9.28 -14.93 18.50
C SER B 347 8.98 -15.33 17.06
N PHE B 348 9.95 -15.14 16.16
CA PHE B 348 9.71 -15.51 14.76
C PHE B 348 9.53 -17.03 14.58
N GLN B 349 10.15 -17.83 15.45
CA GLN B 349 10.01 -19.28 15.37
C GLN B 349 8.56 -19.68 15.66
N ILE B 350 7.95 -19.03 16.66
CA ILE B 350 6.56 -19.28 17.00
C ILE B 350 5.62 -18.83 15.89
N LYS B 351 5.80 -17.58 15.45
CA LYS B 351 4.89 -17.00 14.44
C LYS B 351 4.89 -17.80 13.13
N ASN B 352 6.06 -18.26 12.72
CA ASN B 352 6.17 -18.96 11.45
C ASN B 352 5.64 -20.38 11.42
N ASN B 353 5.15 -20.84 12.57
CA ASN B 353 4.42 -22.09 12.63
C ASN B 353 2.90 -21.88 12.69
N MET B 354 2.45 -20.64 12.54
CA MET B 354 1.01 -20.32 12.67
C MET B 354 0.31 -20.07 11.33
N PHE B 355 -0.90 -20.60 11.21
CA PHE B 355 -1.82 -20.21 10.14
C PHE B 355 -3.01 -19.59 10.85
N ILE B 356 -3.21 -18.30 10.67
CA ILE B 356 -4.31 -17.61 11.36
C ILE B 356 -5.44 -17.19 10.41
N PHE B 357 -6.69 -17.39 10.85
CA PHE B 357 -7.86 -16.92 10.12
C PHE B 357 -8.55 -15.88 11.00
N ILE B 358 -8.86 -14.71 10.43
CA ILE B 358 -9.57 -13.67 11.17
C ILE B 358 -10.73 -13.11 10.35
N ASN B 359 -11.90 -13.02 10.98
CA ASN B 359 -13.01 -12.29 10.39
C ASN B 359 -13.46 -11.20 11.38
N CYS B 360 -13.35 -9.94 10.99
CA CYS B 360 -13.60 -8.85 11.95
C CYS B 360 -14.35 -7.66 11.36
N LEU B 361 -14.99 -6.90 12.24
CA LEU B 361 -15.64 -5.65 11.88
C LEU B 361 -14.92 -4.49 12.56
N ILE B 362 -14.53 -3.50 11.76
CA ILE B 362 -13.73 -2.35 12.21
C ILE B 362 -14.47 -1.06 11.81
N GLU B 363 -14.56 -0.10 12.74
CA GLU B 363 -15.21 1.15 12.42
C GLU B 363 -14.35 2.03 11.53
N ASN B 364 -14.97 2.62 10.51
CA ASN B 364 -14.32 3.60 9.64
C ASN B 364 -12.84 3.29 9.39
N PRO B 365 -12.56 2.12 8.83
CA PRO B 365 -11.18 1.62 8.70
C PRO B 365 -10.33 2.45 7.74
N ALA B 366 -9.01 2.45 7.97
CA ALA B 366 -8.06 3.10 7.07
C ALA B 366 -7.13 2.04 6.52
N PHE B 367 -6.74 2.20 5.26
CA PHE B 367 -5.85 1.25 4.58
C PHE B 367 -4.68 1.99 3.91
N THR B 368 -3.62 1.27 3.57
CA THR B 368 -2.49 1.89 2.86
C THR B 368 -2.86 2.38 1.46
N SER B 369 -3.86 1.75 0.83
CA SER B 369 -4.20 2.12 -0.53
C SER B 369 -5.67 1.84 -0.84
N GLN B 370 -6.11 2.29 -2.02
CA GLN B 370 -7.46 2.00 -2.52
C GLN B 370 -7.79 0.50 -2.57
N THR B 371 -6.78 -0.34 -2.80
CA THR B 371 -7.03 -1.79 -2.91
C THR B 371 -7.37 -2.42 -1.57
N LYS B 372 -7.06 -1.71 -0.47
CA LYS B 372 -7.46 -2.12 0.89
C LYS B 372 -6.90 -3.50 1.28
N GLU B 373 -5.68 -3.77 0.84
CA GLU B 373 -5.04 -5.04 1.16
C GLU B 373 -4.39 -5.02 2.55
N GLN B 374 -4.13 -3.83 3.10
CA GLN B 374 -3.45 -3.69 4.41
C GLN B 374 -4.11 -2.65 5.31
N LEU B 375 -4.68 -3.10 6.44
CA LEU B 375 -5.32 -2.20 7.41
C LEU B 375 -4.27 -1.42 8.22
N THR B 376 -4.51 -0.12 8.40
CA THR B 376 -3.60 0.76 9.16
C THR B 376 -4.22 1.35 10.43
N THR B 377 -5.55 1.25 10.55
CA THR B 377 -6.27 1.72 11.74
C THR B 377 -5.60 1.23 13.03
N ARG B 378 -5.39 2.12 13.99
CA ARG B 378 -4.81 1.74 15.28
C ARG B 378 -5.82 0.96 16.11
N VAL B 379 -5.33 -0.01 16.87
CA VAL B 379 -6.17 -0.84 17.72
C VAL B 379 -7.18 -0.01 18.55
N LYS B 380 -6.73 1.12 19.10
CA LYS B 380 -7.59 1.96 19.93
C LYS B 380 -8.72 2.62 19.13
N ASP B 381 -8.59 2.64 17.81
CA ASP B 381 -9.61 3.20 16.92
C ASP B 381 -10.51 2.12 16.24
N PHE B 382 -10.36 0.87 16.66
CA PHE B 382 -11.09 -0.25 16.06
C PHE B 382 -12.61 -0.16 16.28
N GLY B 383 -13.03 0.38 17.42
CA GLY B 383 -14.43 0.36 17.83
C GLY B 383 -14.82 -0.83 18.71
N SER B 384 -13.86 -1.73 18.95
CA SER B 384 -14.07 -2.93 19.75
C SER B 384 -12.71 -3.49 20.11
N ARG B 385 -12.67 -4.47 21.01
CA ARG B 385 -11.43 -5.16 21.32
C ARG B 385 -11.58 -6.66 21.13
N CYS B 386 -10.46 -7.37 21.04
CA CYS B 386 -10.47 -8.82 20.90
C CYS B 386 -9.40 -9.43 21.79
N GLU B 387 -9.73 -9.64 23.06
CA GLU B 387 -8.80 -10.30 23.96
C GLU B 387 -8.95 -11.79 23.83
N ILE B 388 -7.91 -12.44 23.32
CA ILE B 388 -7.93 -13.89 23.13
C ILE B 388 -7.89 -14.56 24.52
N PRO B 389 -8.87 -15.41 24.80
CA PRO B 389 -8.92 -16.14 26.08
C PRO B 389 -7.68 -17.04 26.24
N LEU B 390 -7.15 -17.12 27.45
CA LEU B 390 -6.02 -17.99 27.73
C LEU B 390 -6.30 -19.48 27.45
N GLU B 391 -7.55 -19.90 27.62
CA GLU B 391 -7.91 -21.29 27.30
C GLU B 391 -7.83 -21.62 25.80
N TYR B 392 -8.02 -20.59 24.96
CA TYR B 392 -7.80 -20.75 23.52
C TYR B 392 -6.32 -20.95 23.20
N ILE B 393 -5.45 -20.18 23.86
CA ILE B 393 -4.02 -20.34 23.64
C ILE B 393 -3.54 -21.69 24.18
N ASN B 394 -4.19 -22.16 25.24
CA ASN B 394 -3.94 -23.50 25.77
C ASN B 394 -4.24 -24.62 24.76
N LYS B 395 -5.32 -24.45 24.00
CA LYS B 395 -5.64 -25.41 22.94
C LYS B 395 -4.57 -25.38 21.84
N ILE B 396 -4.09 -24.18 21.50
CA ILE B 396 -2.95 -24.05 20.58
C ILE B 396 -1.70 -24.81 21.08
N MET B 397 -1.46 -24.78 22.38
CA MET B 397 -0.32 -25.49 22.99
C MET B 397 -0.45 -27.02 22.98
N LYS B 398 -1.56 -27.53 22.45
CA LYS B 398 -1.75 -28.97 22.27
C LYS B 398 -1.36 -29.42 20.86
N THR B 399 -1.25 -28.45 19.93
CA THR B 399 -0.94 -28.77 18.54
C THR B 399 0.55 -29.00 18.29
N ASP B 400 0.88 -29.40 17.07
CA ASP B 400 2.27 -29.57 16.62
C ASP B 400 3.12 -28.31 16.84
N LEU B 401 2.50 -27.14 16.95
CA LEU B 401 3.25 -25.91 17.22
C LEU B 401 4.08 -26.05 18.51
N ALA B 402 3.45 -26.51 19.57
CA ALA B 402 4.13 -26.63 20.87
C ALA B 402 5.26 -27.68 20.83
N THR B 403 4.97 -28.84 20.24
CA THR B 403 5.99 -29.88 20.06
C THR B 403 7.23 -29.34 19.33
N ARG B 404 7.01 -28.57 18.26
CA ARG B 404 8.10 -27.97 17.50
C ARG B 404 8.88 -26.95 18.34
N MET B 405 8.16 -26.09 19.05
CA MET B 405 8.80 -25.04 19.86
C MET B 405 9.61 -25.61 21.01
N PHE B 406 9.09 -26.64 21.65
CA PHE B 406 9.78 -27.27 22.77
C PHE B 406 11.06 -28.01 22.35
N GLU B 407 11.09 -28.47 21.09
CA GLU B 407 12.31 -29.08 20.53
C GLU B 407 13.41 -28.05 20.23
N ILE B 408 13.01 -26.81 19.94
CA ILE B 408 13.97 -25.71 19.82
C ILE B 408 14.46 -25.33 21.23
N ALA B 409 13.51 -25.16 22.15
CA ALA B 409 13.83 -24.87 23.56
C ALA B 409 14.71 -25.97 24.16
N ASP B 410 14.14 -27.16 24.32
CA ASP B 410 14.81 -28.28 24.98
C ASP B 410 15.62 -29.10 23.98
#